data_5BXQ
#
_entry.id   5BXQ
#
_cell.length_a   155.116
_cell.length_b   120.439
_cell.length_c   108.836
_cell.angle_alpha   90.00
_cell.angle_beta   90.00
_cell.angle_gamma   90.00
#
_symmetry.space_group_name_H-M   'C 2 2 21'
#
loop_
_entity.id
_entity.type
_entity.pdbx_description
1 polymer 'Nuclear transport factor 2'
2 polymer 'GTP-binding nuclear protein Ran'
3 non-polymer "GUANOSINE-5'-DIPHOSPHATE"
4 non-polymer 'MAGNESIUM ION'
5 non-polymer 'SULFATE ION'
6 water water
#
loop_
_entity_poly.entity_id
_entity_poly.type
_entity_poly.pdbx_seq_one_letter_code
_entity_poly.pdbx_strand_id
1 'polypeptide(L)'
;MGDKPIWEQIGSSFIQHYYQLFDNDRTQLGAIYIDASCLTWEGQQFQGKAAIVEKLSSLPFQKIQHSITAQDHQPTPDSC
IISMVVGQLKADEDPIMGFHQMFLLKNINDAWVCTNDMFRLALHNFG
;
A,B
2 'polypeptide(L)'
;MAAQGEPQVQFKLVLVGDGGTGKTTFVKRHLTGEFEKKYVATLGVEVHPLVFHTNRGPIKFNVWDTAGQEKFGGLRDGYY
IQAQCAIIMFDVTSRVTYKNVPNWHRDLVRVCENIPIVLCGNKVDIKDRKVKAKSIVFHRKKNLQYYDISAKSNYNFEKP
FLWLARKLIGDPNLEFVAMPALAPPEVVMDPALAAQYEHDLEVAQTTALPDEDDDL
;
C,D,E
#
# COMPACT_ATOMS: atom_id res chain seq x y z
N LYS A 4 -16.37 -6.50 25.21
CA LYS A 4 -15.21 -6.20 24.37
C LYS A 4 -14.00 -7.01 24.82
N PRO A 5 -13.29 -7.65 23.87
CA PRO A 5 -12.14 -8.49 24.25
C PRO A 5 -11.07 -7.72 25.01
N ILE A 6 -10.20 -8.43 25.70
CA ILE A 6 -9.22 -7.78 26.56
C ILE A 6 -8.19 -6.99 25.74
N TRP A 7 -7.82 -7.54 24.59
CA TRP A 7 -6.83 -6.88 23.74
C TRP A 7 -7.38 -5.59 23.13
N GLU A 8 -8.69 -5.52 22.97
CA GLU A 8 -9.32 -4.31 22.46
C GLU A 8 -9.39 -3.24 23.54
N GLN A 9 -9.57 -3.68 24.78
CA GLN A 9 -9.63 -2.75 25.92
C GLN A 9 -8.26 -2.16 26.20
N ILE A 10 -7.25 -3.01 26.17
CA ILE A 10 -5.88 -2.59 26.43
C ILE A 10 -5.39 -1.71 25.29
N GLY A 11 -5.60 -2.17 24.06
CA GLY A 11 -5.17 -1.44 22.88
C GLY A 11 -5.75 -0.04 22.85
N SER A 12 -7.05 0.07 23.12
CA SER A 12 -7.74 1.35 23.08
C SER A 12 -7.21 2.30 24.15
N SER A 13 -6.84 1.75 25.30
CA SER A 13 -6.29 2.56 26.38
C SER A 13 -4.92 3.10 26.00
N PHE A 14 -4.08 2.25 25.41
CA PHE A 14 -2.77 2.68 24.93
C PHE A 14 -2.92 3.81 23.91
N ILE A 15 -3.77 3.58 22.92
CA ILE A 15 -4.02 4.56 21.87
C ILE A 15 -4.46 5.89 22.46
N GLN A 16 -5.45 5.85 23.34
CA GLN A 16 -5.94 7.08 23.95
C GLN A 16 -4.83 7.79 24.73
N HIS A 17 -4.02 7.02 25.43
CA HIS A 17 -2.95 7.60 26.25
C HIS A 17 -1.81 8.11 25.39
N TYR A 18 -1.51 7.42 24.30
CA TYR A 18 -0.43 7.82 23.41
C TYR A 18 -0.69 9.20 22.79
N TYR A 19 -1.88 9.38 22.22
CA TYR A 19 -2.18 10.61 21.49
C TYR A 19 -2.51 11.76 22.43
N GLN A 20 -3.01 11.44 23.62
CA GLN A 20 -3.16 12.45 24.67
C GLN A 20 -1.78 13.04 24.98
N LEU A 21 -0.84 12.17 25.30
CA LEU A 21 0.53 12.59 25.57
C LEU A 21 1.15 13.30 24.37
N PHE A 22 0.95 12.75 23.18
CA PHE A 22 1.56 13.29 21.98
C PHE A 22 1.04 14.70 21.68
N ASP A 23 -0.24 14.93 21.93
CA ASP A 23 -0.86 16.21 21.62
C ASP A 23 -0.55 17.30 22.65
N ASN A 24 -0.18 16.90 23.87
CA ASN A 24 0.07 17.88 24.94
C ASN A 24 1.55 17.99 25.32
N ASP A 25 2.24 16.86 25.43
CA ASP A 25 3.66 16.88 25.79
C ASP A 25 4.38 15.65 25.25
N ARG A 26 5.00 15.81 24.08
CA ARG A 26 5.73 14.72 23.43
C ARG A 26 6.88 14.19 24.29
N THR A 27 7.46 15.09 25.09
CA THR A 27 8.63 14.76 25.89
C THR A 27 8.36 13.65 26.92
N GLN A 28 7.09 13.47 27.26
CA GLN A 28 6.71 12.51 28.30
C GLN A 28 6.35 11.12 27.72
N LEU A 29 6.74 10.87 26.48
CA LEU A 29 6.37 9.63 25.80
C LEU A 29 7.37 8.48 26.01
N GLY A 30 8.46 8.76 26.70
CA GLY A 30 9.46 7.73 26.97
C GLY A 30 8.91 6.51 27.70
N ALA A 31 8.00 6.75 28.63
CA ALA A 31 7.48 5.70 29.52
C ALA A 31 6.85 4.51 28.79
N ILE A 32 6.39 4.71 27.56
CA ILE A 32 5.73 3.64 26.82
C ILE A 32 6.74 2.80 26.03
N TYR A 33 7.96 3.31 25.91
CA TYR A 33 9.00 2.67 25.11
C TYR A 33 10.08 2.04 25.98
N ILE A 34 10.81 1.08 25.40
CA ILE A 34 11.93 0.43 26.07
C ILE A 34 13.16 0.47 25.16
N ASP A 35 14.29 -0.03 25.66
CA ASP A 35 15.54 0.07 24.91
C ASP A 35 15.50 -0.79 23.64
N ALA A 36 14.65 -1.81 23.64
CA ALA A 36 14.51 -2.68 22.49
C ALA A 36 13.49 -2.13 21.48
N SER A 37 12.92 -0.97 21.78
CA SER A 37 11.86 -0.41 20.95
C SER A 37 12.34 0.09 19.60
N CYS A 38 11.58 -0.22 18.56
CA CYS A 38 11.85 0.25 17.20
C CYS A 38 10.82 1.28 16.74
N LEU A 39 11.30 2.44 16.31
CA LEU A 39 10.44 3.45 15.69
C LEU A 39 10.87 3.70 14.25
N THR A 40 9.92 3.57 13.32
CA THR A 40 10.11 4.05 11.95
C THR A 40 9.17 5.22 11.72
N TRP A 41 9.76 6.41 11.56
CA TRP A 41 8.99 7.64 11.44
C TRP A 41 9.21 8.27 10.06
N GLU A 42 8.21 8.11 9.20
CA GLU A 42 8.31 8.55 7.80
C GLU A 42 9.59 8.01 7.16
N GLY A 43 9.85 6.73 7.39
CA GLY A 43 10.97 6.05 6.76
C GLY A 43 12.23 6.03 7.61
N GLN A 44 12.38 7.01 8.50
CA GLN A 44 13.57 7.11 9.34
C GLN A 44 13.46 6.20 10.57
N GLN A 45 14.41 5.28 10.71
CA GLN A 45 14.36 4.30 11.78
C GLN A 45 15.13 4.74 13.03
N PHE A 46 14.57 4.41 14.19
CA PHE A 46 15.15 4.79 15.48
C PHE A 46 15.04 3.61 16.46
N GLN A 47 16.08 3.42 17.27
CA GLN A 47 16.09 2.35 18.27
C GLN A 47 16.36 2.90 19.67
N GLY A 48 15.53 2.47 20.62
CA GLY A 48 15.74 2.76 22.01
C GLY A 48 14.92 3.93 22.51
N LYS A 49 14.51 3.85 23.77
CA LYS A 49 13.69 4.88 24.39
C LYS A 49 14.28 6.27 24.21
N ALA A 50 15.60 6.39 24.39
CA ALA A 50 16.23 7.71 24.36
C ALA A 50 16.19 8.35 22.98
N ALA A 51 16.55 7.58 21.96
CA ALA A 51 16.60 8.09 20.58
C ALA A 51 15.20 8.42 20.07
N ILE A 52 14.24 7.61 20.47
CA ILE A 52 12.85 7.79 20.05
C ILE A 52 12.27 9.08 20.64
N VAL A 53 12.43 9.27 21.94
CA VAL A 53 11.92 10.48 22.59
C VAL A 53 12.57 11.73 21.99
N GLU A 54 13.86 11.62 21.66
CA GLU A 54 14.57 12.75 21.07
C GLU A 54 13.97 13.14 19.74
N LYS A 55 13.76 12.15 18.87
CA LYS A 55 13.17 12.38 17.57
C LYS A 55 11.81 13.06 17.68
N LEU A 56 10.92 12.46 18.47
CA LEU A 56 9.56 12.97 18.62
C LEU A 56 9.53 14.37 19.22
N SER A 57 10.44 14.64 20.15
CA SER A 57 10.52 15.96 20.77
C SER A 57 11.04 17.00 19.79
N SER A 58 11.89 16.57 18.87
CA SER A 58 12.53 17.49 17.93
C SER A 58 11.63 17.90 16.77
N LEU A 59 10.45 17.30 16.67
CA LEU A 59 9.55 17.60 15.57
C LEU A 59 9.17 19.08 15.57
N PRO A 60 9.48 19.79 14.46
CA PRO A 60 9.34 21.25 14.46
C PRO A 60 7.90 21.75 14.28
N PHE A 61 7.05 21.45 15.25
CA PHE A 61 5.77 22.16 15.39
C PHE A 61 5.52 22.47 16.86
N GLN A 62 4.70 23.48 17.10
CA GLN A 62 4.44 23.95 18.47
C GLN A 62 3.23 23.22 19.06
N LYS A 63 2.20 23.03 18.26
CA LYS A 63 1.01 22.31 18.69
C LYS A 63 0.57 21.31 17.63
N ILE A 64 -0.07 20.25 18.08
CA ILE A 64 -0.58 19.23 17.17
C ILE A 64 -1.81 18.58 17.78
N GLN A 65 -2.71 18.11 16.91
CA GLN A 65 -3.96 17.53 17.36
C GLN A 65 -4.36 16.36 16.46
N HIS A 66 -4.62 15.21 17.07
CA HIS A 66 -5.02 14.01 16.34
C HIS A 66 -6.49 13.68 16.60
N SER A 67 -7.16 13.19 15.56
CA SER A 67 -8.47 12.58 15.73
C SER A 67 -8.43 11.19 15.09
N ILE A 68 -8.93 10.19 15.82
CA ILE A 68 -8.91 8.82 15.33
C ILE A 68 -10.11 8.55 14.44
N THR A 69 -9.86 8.13 13.20
CA THR A 69 -10.93 7.70 12.31
C THR A 69 -11.29 6.26 12.64
N ALA A 70 -10.28 5.41 12.79
CA ALA A 70 -10.49 4.01 13.15
C ALA A 70 -9.27 3.42 13.83
N GLN A 71 -9.52 2.51 14.78
CA GLN A 71 -8.44 1.78 15.44
C GLN A 71 -8.84 0.31 15.58
N ASP A 72 -7.99 -0.57 15.05
CA ASP A 72 -8.23 -2.00 15.07
C ASP A 72 -7.16 -2.70 15.89
N HIS A 73 -7.58 -3.60 16.78
CA HIS A 73 -6.68 -4.32 17.68
C HIS A 73 -6.81 -5.82 17.50
N GLN A 74 -5.67 -6.51 17.52
CA GLN A 74 -5.64 -7.97 17.45
C GLN A 74 -4.66 -8.55 18.44
N PRO A 75 -4.88 -9.80 18.88
CA PRO A 75 -3.89 -10.51 19.68
C PRO A 75 -2.97 -11.33 18.79
N THR A 76 -1.68 -11.35 19.11
CA THR A 76 -0.71 -12.11 18.32
C THR A 76 -0.52 -13.50 18.92
N PRO A 77 0.10 -14.41 18.17
CA PRO A 77 0.34 -15.76 18.71
C PRO A 77 1.30 -15.77 19.90
N ASP A 78 2.16 -14.77 20.00
CA ASP A 78 3.11 -14.67 21.10
C ASP A 78 2.55 -13.78 22.21
N SER A 79 1.23 -13.67 22.25
CA SER A 79 0.50 -12.97 23.32
C SER A 79 0.83 -11.47 23.37
N CYS A 80 1.11 -10.87 22.21
CA CYS A 80 1.21 -9.42 22.10
C CYS A 80 -0.10 -8.85 21.61
N ILE A 81 -0.20 -7.54 21.59
CA ILE A 81 -1.32 -6.84 20.99
C ILE A 81 -0.81 -5.95 19.87
N ILE A 82 -1.27 -6.22 18.66
CA ILE A 82 -0.92 -5.40 17.51
C ILE A 82 -2.09 -4.49 17.20
N SER A 83 -1.80 -3.20 17.07
CA SER A 83 -2.80 -2.19 16.84
C SER A 83 -2.47 -1.36 15.61
N MET A 84 -3.50 -1.04 14.81
CA MET A 84 -3.34 -0.15 13.67
C MET A 84 -4.31 1.02 13.78
N VAL A 85 -3.82 2.21 13.48
CA VAL A 85 -4.60 3.44 13.57
C VAL A 85 -4.59 4.17 12.25
N VAL A 86 -5.78 4.61 11.83
CA VAL A 86 -5.92 5.53 10.71
C VAL A 86 -6.71 6.73 11.21
N GLY A 87 -6.27 7.93 10.83
CA GLY A 87 -6.94 9.13 11.27
C GLY A 87 -6.43 10.38 10.60
N GLN A 88 -6.74 11.52 11.21
CA GLN A 88 -6.33 12.82 10.70
C GLN A 88 -5.63 13.61 11.80
N LEU A 89 -4.75 14.52 11.40
CA LEU A 89 -4.08 15.40 12.34
C LEU A 89 -4.01 16.83 11.81
N LYS A 90 -3.63 17.75 12.68
CA LYS A 90 -3.41 19.13 12.31
C LYS A 90 -2.28 19.72 13.15
N ALA A 91 -1.18 20.05 12.48
CA ALA A 91 -0.04 20.66 13.15
C ALA A 91 -0.08 22.17 12.97
N ASP A 92 0.10 22.91 14.06
CA ASP A 92 0.09 24.36 14.03
C ASP A 92 -1.19 24.89 13.38
N GLU A 93 -1.05 25.69 12.34
CA GLU A 93 -2.20 26.19 11.59
C GLU A 93 -2.17 25.67 10.15
N ASP A 94 -1.61 24.47 9.99
CA ASP A 94 -1.47 23.86 8.68
C ASP A 94 -2.75 23.12 8.31
N PRO A 95 -2.87 22.73 7.03
CA PRO A 95 -4.04 21.94 6.61
C PRO A 95 -4.12 20.58 7.30
N ILE A 96 -5.33 20.03 7.35
CA ILE A 96 -5.56 18.70 7.91
C ILE A 96 -5.01 17.64 6.95
N MET A 97 -4.29 16.68 7.51
CA MET A 97 -3.73 15.58 6.73
C MET A 97 -4.12 14.23 7.34
N GLY A 98 -4.25 13.23 6.49
CA GLY A 98 -4.49 11.87 6.94
C GLY A 98 -3.19 11.23 7.39
N PHE A 99 -3.29 10.23 8.26
CA PHE A 99 -2.10 9.54 8.77
C PHE A 99 -2.41 8.10 9.13
N HIS A 100 -1.38 7.27 9.18
CA HIS A 100 -1.53 5.93 9.76
CA HIS A 100 -1.54 5.93 9.75
C HIS A 100 -0.49 5.71 10.84
N GLN A 101 -0.74 4.76 11.72
CA GLN A 101 0.23 4.41 12.75
C GLN A 101 -0.05 3.03 13.31
N MET A 102 1.01 2.26 13.50
CA MET A 102 0.92 0.90 14.02
C MET A 102 1.69 0.79 15.32
N PHE A 103 1.16 0.01 16.25
CA PHE A 103 1.83 -0.27 17.51
C PHE A 103 1.82 -1.76 17.78
N LEU A 104 2.94 -2.27 18.28
CA LEU A 104 2.99 -3.62 18.83
C LEU A 104 3.25 -3.51 20.33
N LEU A 105 2.28 -3.97 21.12
CA LEU A 105 2.37 -3.90 22.57
C LEU A 105 2.76 -5.26 23.17
N LYS A 106 3.73 -5.25 24.08
CA LYS A 106 4.17 -6.45 24.77
C LYS A 106 4.02 -6.27 26.28
N ASN A 107 3.48 -7.29 26.95
CA ASN A 107 3.32 -7.25 28.39
C ASN A 107 4.59 -7.67 29.11
N ILE A 108 5.18 -6.72 29.82
CA ILE A 108 6.40 -6.96 30.58
C ILE A 108 6.20 -6.49 32.02
N ASN A 109 6.31 -7.42 32.97
CA ASN A 109 6.09 -7.14 34.37
C ASN A 109 4.68 -6.60 34.61
N ASP A 110 3.71 -7.26 33.98
CA ASP A 110 2.30 -6.85 34.05
C ASP A 110 2.09 -5.40 33.59
N ALA A 111 3.02 -4.90 32.79
CA ALA A 111 2.91 -3.56 32.21
C ALA A 111 3.12 -3.61 30.70
N TRP A 112 2.11 -3.16 29.96
CA TRP A 112 2.18 -3.13 28.51
C TRP A 112 3.07 -1.99 28.03
N VAL A 113 4.01 -2.31 27.13
CA VAL A 113 4.91 -1.31 26.55
C VAL A 113 4.97 -1.49 25.03
N CYS A 114 5.31 -0.42 24.33
CA CYS A 114 5.44 -0.48 22.88
C CYS A 114 6.83 -0.93 22.46
N THR A 115 6.89 -2.02 21.71
CA THR A 115 8.15 -2.56 21.20
C THR A 115 8.38 -2.14 19.75
N ASN A 116 7.30 -1.83 19.04
CA ASN A 116 7.36 -1.45 17.64
C ASN A 116 6.37 -0.33 17.29
N ASP A 117 6.85 0.67 16.58
CA ASP A 117 6.06 1.84 16.23
C ASP A 117 6.39 2.30 14.81
N MET A 118 5.36 2.45 13.98
CA MET A 118 5.52 2.90 12.61
C MET A 118 4.56 4.04 12.29
N PHE A 119 5.08 5.13 11.71
CA PHE A 119 4.24 6.28 11.37
C PHE A 119 4.43 6.78 9.95
N ARG A 120 3.33 7.17 9.32
CA ARG A 120 3.32 7.79 8.00
C ARG A 120 2.19 8.79 7.86
N LEU A 121 2.44 9.88 7.14
CA LEU A 121 1.36 10.75 6.68
C LEU A 121 0.72 10.10 5.46
N ALA A 122 -0.60 10.17 5.37
CA ALA A 122 -1.33 9.60 4.24
C ALA A 122 -1.18 10.47 3.00
N LEU A 123 0.06 10.63 2.55
CA LEU A 123 0.38 11.43 1.38
C LEU A 123 0.95 10.54 0.28
N HIS A 124 0.63 10.89 -0.97
CA HIS A 124 1.01 10.07 -2.12
C HIS A 124 1.66 10.91 -3.21
N ASN A 125 2.16 10.24 -4.23
CA ASN A 125 2.86 10.90 -5.32
C ASN A 125 1.89 11.51 -6.33
N PHE A 126 0.73 10.87 -6.48
CA PHE A 126 -0.27 11.30 -7.43
C PHE A 126 -1.67 11.13 -6.85
N GLY A 127 -2.60 11.99 -7.27
CA GLY A 127 -3.95 11.97 -6.73
C GLY A 127 -4.73 10.75 -7.17
N LYS B 4 20.89 -4.99 2.75
CA LYS B 4 19.47 -4.95 3.07
C LYS B 4 19.14 -5.99 4.13
N PRO B 5 18.53 -5.56 5.26
CA PRO B 5 18.26 -6.51 6.35
C PRO B 5 17.35 -7.67 5.92
N ILE B 6 17.53 -8.82 6.56
CA ILE B 6 16.78 -10.03 6.19
C ILE B 6 15.28 -9.82 6.36
N TRP B 7 14.88 -9.05 7.37
CA TRP B 7 13.46 -8.84 7.64
C TRP B 7 12.82 -7.95 6.57
N GLU B 8 13.61 -6.99 6.07
CA GLU B 8 13.14 -6.11 5.02
C GLU B 8 13.05 -6.86 3.70
N GLN B 9 13.90 -7.87 3.54
CA GLN B 9 13.87 -8.72 2.36
C GLN B 9 12.60 -9.56 2.32
N ILE B 10 12.30 -10.18 3.46
CA ILE B 10 11.14 -11.05 3.59
C ILE B 10 9.86 -10.24 3.48
N GLY B 11 9.84 -9.09 4.14
CA GLY B 11 8.69 -8.20 4.09
C GLY B 11 8.41 -7.74 2.67
N SER B 12 9.44 -7.24 1.98
CA SER B 12 9.29 -6.72 0.63
C SER B 12 8.76 -7.80 -0.34
N SER B 13 9.29 -9.00 -0.20
CA SER B 13 8.84 -10.13 -1.01
C SER B 13 7.37 -10.42 -0.73
N PHE B 14 7.01 -10.48 0.54
CA PHE B 14 5.64 -10.76 0.95
C PHE B 14 4.67 -9.73 0.36
N ILE B 15 5.03 -8.45 0.46
CA ILE B 15 4.17 -7.37 -0.01
C ILE B 15 3.97 -7.48 -1.51
N GLN B 16 5.05 -7.70 -2.25
CA GLN B 16 4.96 -7.79 -3.70
C GLN B 16 4.07 -8.96 -4.12
N HIS B 17 4.19 -10.08 -3.40
CA HIS B 17 3.44 -11.28 -3.72
C HIS B 17 1.96 -11.15 -3.35
N TYR B 18 1.69 -10.49 -2.22
CA TYR B 18 0.31 -10.35 -1.74
C TYR B 18 -0.54 -9.53 -2.69
N TYR B 19 0.01 -8.43 -3.18
CA TYR B 19 -0.76 -7.50 -3.99
C TYR B 19 -0.84 -7.92 -5.45
N GLN B 20 0.23 -8.54 -5.96
CA GLN B 20 0.18 -9.15 -7.28
C GLN B 20 -0.96 -10.16 -7.33
N LEU B 21 -1.04 -10.98 -6.30
CA LEU B 21 -2.01 -12.06 -6.25
C LEU B 21 -3.42 -11.54 -6.00
N PHE B 22 -3.53 -10.55 -5.12
CA PHE B 22 -4.83 -9.93 -4.83
C PHE B 22 -5.42 -9.31 -6.10
N ASP B 23 -4.61 -8.57 -6.83
CA ASP B 23 -5.05 -7.93 -8.06
C ASP B 23 -5.34 -8.96 -9.14
N ASN B 24 -4.52 -10.00 -9.20
CA ASN B 24 -4.70 -11.05 -10.20
C ASN B 24 -5.85 -11.98 -9.83
N ASP B 25 -5.80 -12.56 -8.63
CA ASP B 25 -6.86 -13.45 -8.17
C ASP B 25 -6.90 -13.56 -6.63
N ARG B 26 -7.93 -12.97 -6.03
CA ARG B 26 -8.10 -12.99 -4.58
C ARG B 26 -8.20 -14.40 -4.02
N THR B 27 -8.82 -15.29 -4.79
CA THR B 27 -9.20 -16.61 -4.30
C THR B 27 -8.03 -17.53 -3.96
N GLN B 28 -6.82 -17.12 -4.33
CA GLN B 28 -5.62 -17.92 -4.12
C GLN B 28 -4.78 -17.44 -2.94
N LEU B 29 -5.25 -16.41 -2.25
CA LEU B 29 -4.49 -15.81 -1.16
C LEU B 29 -4.48 -16.66 0.11
N GLY B 30 -5.19 -17.78 0.10
CA GLY B 30 -5.26 -18.65 1.26
C GLY B 30 -3.89 -19.14 1.71
N ALA B 31 -3.00 -19.35 0.75
CA ALA B 31 -1.71 -19.97 0.99
C ALA B 31 -0.81 -19.18 1.94
N ILE B 32 -1.06 -17.89 2.11
CA ILE B 32 -0.20 -17.04 2.93
C ILE B 32 -0.64 -17.01 4.39
N TYR B 33 -1.81 -17.59 4.68
CA TYR B 33 -2.37 -17.62 6.03
C TYR B 33 -2.34 -19.02 6.63
N ILE B 34 -2.85 -19.13 7.86
CA ILE B 34 -3.03 -20.41 8.54
C ILE B 34 -4.34 -20.35 9.33
N ASP B 35 -4.64 -21.38 10.11
CA ASP B 35 -5.92 -21.44 10.82
C ASP B 35 -5.97 -20.51 12.03
N ALA B 36 -4.81 -20.10 12.51
CA ALA B 36 -4.73 -19.18 13.63
C ALA B 36 -4.76 -17.72 13.16
N SER B 37 -4.69 -17.53 11.86
CA SER B 37 -4.57 -16.19 11.28
C SER B 37 -5.77 -15.30 11.59
N CYS B 38 -5.48 -14.04 11.93
CA CYS B 38 -6.50 -13.05 12.22
C CYS B 38 -6.56 -11.99 11.12
N LEU B 39 -7.76 -11.76 10.59
CA LEU B 39 -8.00 -10.66 9.67
C LEU B 39 -9.03 -9.70 10.27
N THR B 40 -8.70 -8.41 10.24
CA THR B 40 -9.68 -7.36 10.46
C THR B 40 -9.79 -6.54 9.18
N TRP B 41 -10.94 -6.62 8.52
CA TRP B 41 -11.15 -5.96 7.24
C TRP B 41 -12.25 -4.90 7.35
N GLU B 42 -11.84 -3.64 7.35
CA GLU B 42 -12.75 -2.52 7.56
C GLU B 42 -13.64 -2.76 8.78
N GLY B 43 -13.01 -3.18 9.88
CA GLY B 43 -13.70 -3.36 11.14
C GLY B 43 -14.23 -4.76 11.38
N GLN B 44 -14.44 -5.50 10.30
CA GLN B 44 -14.98 -6.86 10.40
C GLN B 44 -13.87 -7.89 10.60
N GLN B 45 -14.12 -8.84 11.50
CA GLN B 45 -13.11 -9.81 11.89
C GLN B 45 -13.36 -11.21 11.34
N PHE B 46 -12.28 -11.88 10.98
CA PHE B 46 -12.33 -13.23 10.44
C PHE B 46 -11.12 -14.02 10.96
N GLN B 47 -11.36 -15.27 11.33
CA GLN B 47 -10.30 -16.13 11.85
C GLN B 47 -10.11 -17.35 10.97
N GLY B 48 -8.86 -17.59 10.58
CA GLY B 48 -8.49 -18.80 9.89
C GLY B 48 -8.49 -18.67 8.38
N LYS B 49 -7.74 -19.56 7.75
CA LYS B 49 -7.55 -19.55 6.30
C LYS B 49 -8.87 -19.48 5.54
N ALA B 50 -9.80 -20.38 5.85
CA ALA B 50 -11.04 -20.48 5.08
C ALA B 50 -11.86 -19.19 5.12
N ALA B 51 -12.24 -18.77 6.33
CA ALA B 51 -13.10 -17.61 6.51
C ALA B 51 -12.51 -16.35 5.85
N ILE B 52 -11.20 -16.22 5.91
CA ILE B 52 -10.50 -15.10 5.28
C ILE B 52 -10.64 -15.17 3.77
N VAL B 53 -10.38 -16.34 3.20
CA VAL B 53 -10.47 -16.52 1.75
C VAL B 53 -11.89 -16.26 1.30
N GLU B 54 -12.86 -16.72 2.08
CA GLU B 54 -14.27 -16.49 1.77
C GLU B 54 -14.56 -15.00 1.71
N LYS B 55 -14.03 -14.25 2.67
CA LYS B 55 -14.28 -12.83 2.75
C LYS B 55 -13.71 -12.07 1.56
N LEU B 56 -12.43 -12.30 1.26
CA LEU B 56 -11.76 -11.58 0.19
C LEU B 56 -12.36 -11.91 -1.18
N SER B 57 -12.72 -13.17 -1.37
CA SER B 57 -13.32 -13.61 -2.63
C SER B 57 -14.69 -12.97 -2.85
N SER B 58 -15.39 -12.67 -1.77
CA SER B 58 -16.76 -12.18 -1.84
C SER B 58 -16.84 -10.69 -2.09
N LEU B 59 -15.71 -9.99 -2.03
CA LEU B 59 -15.69 -8.55 -2.24
C LEU B 59 -16.23 -8.22 -3.63
N PRO B 60 -17.33 -7.43 -3.69
CA PRO B 60 -18.02 -7.26 -4.96
C PRO B 60 -17.40 -6.19 -5.89
N PHE B 61 -16.21 -6.49 -6.39
CA PHE B 61 -15.67 -5.76 -7.55
C PHE B 61 -15.08 -6.74 -8.54
N GLN B 62 -15.19 -6.41 -9.82
CA GLN B 62 -14.75 -7.30 -10.89
C GLN B 62 -13.24 -7.24 -11.08
N LYS B 63 -12.68 -6.05 -10.88
CA LYS B 63 -11.24 -5.85 -10.98
C LYS B 63 -10.77 -4.85 -9.93
N ILE B 64 -9.54 -5.03 -9.47
CA ILE B 64 -8.92 -4.11 -8.54
C ILE B 64 -7.43 -4.02 -8.82
N GLN B 65 -6.85 -2.87 -8.50
CA GLN B 65 -5.43 -2.63 -8.71
C GLN B 65 -4.86 -1.89 -7.51
N HIS B 66 -3.68 -2.31 -7.05
CA HIS B 66 -3.02 -1.68 -5.92
C HIS B 66 -1.67 -1.09 -6.34
N SER B 67 -1.29 0.00 -5.69
CA SER B 67 0.05 0.55 -5.82
C SER B 67 0.57 0.95 -4.44
N ILE B 68 1.85 0.68 -4.18
CA ILE B 68 2.47 1.02 -2.91
C ILE B 68 3.13 2.39 -2.96
N THR B 69 2.77 3.26 -2.03
CA THR B 69 3.44 4.54 -1.88
C THR B 69 4.66 4.38 -0.96
N ALA B 70 4.43 3.74 0.19
CA ALA B 70 5.50 3.45 1.13
C ALA B 70 5.23 2.15 1.86
N GLN B 71 6.29 1.38 2.11
CA GLN B 71 6.21 0.17 2.91
C GLN B 71 7.37 0.11 3.90
N ASP B 72 7.03 -0.10 5.17
CA ASP B 72 8.03 -0.14 6.24
C ASP B 72 8.06 -1.52 6.88
N HIS B 73 9.27 -1.96 7.25
CA HIS B 73 9.46 -3.28 7.84
C HIS B 73 10.30 -3.22 9.12
N GLN B 74 9.96 -4.08 10.07
CA GLN B 74 10.67 -4.16 11.35
C GLN B 74 10.69 -5.59 11.86
N PRO B 75 11.75 -5.96 12.62
CA PRO B 75 11.72 -7.22 13.37
C PRO B 75 11.12 -7.00 14.75
N THR B 76 10.49 -8.03 15.32
CA THR B 76 9.93 -7.94 16.65
C THR B 76 10.74 -8.81 17.61
N PRO B 77 10.63 -8.55 18.92
CA PRO B 77 11.35 -9.33 19.93
C PRO B 77 11.13 -10.83 19.81
N ASP B 78 9.96 -11.23 19.35
CA ASP B 78 9.62 -12.65 19.21
C ASP B 78 9.98 -13.18 17.83
N SER B 79 10.90 -12.49 17.16
CA SER B 79 11.42 -12.91 15.86
C SER B 79 10.34 -12.97 14.77
N CYS B 80 9.33 -12.11 14.89
CA CYS B 80 8.36 -11.91 13.82
C CYS B 80 8.77 -10.69 12.99
N ILE B 81 8.05 -10.46 11.90
CA ILE B 81 8.27 -9.30 11.05
C ILE B 81 6.97 -8.51 10.91
N ILE B 82 7.04 -7.21 11.20
CA ILE B 82 5.92 -6.31 10.93
C ILE B 82 6.11 -5.68 9.56
N SER B 83 5.04 -5.67 8.78
CA SER B 83 5.03 -5.03 7.49
C SER B 83 3.81 -4.12 7.38
N MET B 84 4.06 -2.83 7.17
CA MET B 84 2.99 -1.83 7.09
C MET B 84 3.04 -1.10 5.77
N VAL B 85 1.86 -0.90 5.18
CA VAL B 85 1.73 -0.33 3.85
C VAL B 85 0.81 0.89 3.86
N VAL B 86 1.22 1.92 3.13
CA VAL B 86 0.33 3.00 2.76
C VAL B 86 0.40 3.10 1.24
N GLY B 87 -0.76 3.04 0.59
CA GLY B 87 -0.81 3.05 -0.85
C GLY B 87 -2.15 3.51 -1.36
N GLN B 88 -2.38 3.26 -2.65
CA GLN B 88 -3.63 3.63 -3.30
C GLN B 88 -4.17 2.42 -4.04
N LEU B 89 -5.48 2.45 -4.31
CA LEU B 89 -6.11 1.38 -5.05
C LEU B 89 -7.24 1.92 -5.92
N LYS B 90 -7.70 1.09 -6.85
CA LYS B 90 -8.80 1.44 -7.72
C LYS B 90 -9.66 0.21 -8.03
N ALA B 91 -10.86 0.18 -7.47
CA ALA B 91 -11.81 -0.89 -7.75
C ALA B 91 -12.69 -0.50 -8.93
N ASP B 92 -12.79 -1.40 -9.92
CA ASP B 92 -13.61 -1.17 -11.10
C ASP B 92 -13.30 0.18 -11.75
N GLU B 93 -14.28 1.07 -11.83
CA GLU B 93 -14.08 2.40 -12.41
C GLU B 93 -14.27 3.50 -11.38
N ASP B 94 -14.22 3.14 -10.10
CA ASP B 94 -14.39 4.10 -9.02
C ASP B 94 -13.14 4.96 -8.87
N PRO B 95 -13.26 6.11 -8.18
CA PRO B 95 -12.10 6.97 -7.97
C PRO B 95 -10.97 6.29 -7.19
N ILE B 96 -9.74 6.71 -7.44
CA ILE B 96 -8.59 6.22 -6.70
C ILE B 96 -8.74 6.59 -5.23
N MET B 97 -8.52 5.61 -4.36
CA MET B 97 -8.56 5.82 -2.93
C MET B 97 -7.26 5.37 -2.29
N GLY B 98 -6.83 6.12 -1.27
CA GLY B 98 -5.71 5.70 -0.46
C GLY B 98 -6.13 4.52 0.39
N PHE B 99 -5.17 3.74 0.85
CA PHE B 99 -5.45 2.66 1.78
C PHE B 99 -4.27 2.44 2.71
N HIS B 100 -4.51 1.70 3.78
CA HIS B 100 -3.47 1.32 4.72
C HIS B 100 -3.64 -0.15 5.07
N GLN B 101 -2.52 -0.85 5.22
CA GLN B 101 -2.58 -2.26 5.58
C GLN B 101 -1.37 -2.68 6.41
N MET B 102 -1.64 -3.50 7.42
CA MET B 102 -0.63 -3.98 8.35
C MET B 102 -0.58 -5.51 8.30
N PHE B 103 0.62 -6.06 8.18
CA PHE B 103 0.84 -7.50 8.21
C PHE B 103 1.84 -7.87 9.30
N LEU B 104 1.58 -8.97 10.00
CA LEU B 104 2.56 -9.56 10.91
C LEU B 104 2.95 -10.94 10.40
N LEU B 105 4.25 -11.16 10.24
CA LEU B 105 4.76 -12.41 9.67
C LEU B 105 5.50 -13.24 10.71
N LYS B 106 5.18 -14.53 10.77
CA LYS B 106 5.85 -15.47 11.66
C LYS B 106 6.37 -16.65 10.85
N ASN B 107 7.59 -17.10 11.16
CA ASN B 107 8.18 -18.23 10.47
C ASN B 107 7.73 -19.55 11.09
N ILE B 108 6.75 -20.19 10.44
CA ILE B 108 6.20 -21.45 10.91
C ILE B 108 6.41 -22.54 9.85
N ASN B 109 7.03 -23.63 10.27
CA ASN B 109 7.34 -24.74 9.37
C ASN B 109 8.16 -24.29 8.17
N ASP B 110 9.19 -23.50 8.44
CA ASP B 110 10.15 -23.08 7.43
C ASP B 110 9.51 -22.29 6.30
N ALA B 111 8.57 -21.42 6.66
CA ALA B 111 7.98 -20.47 5.72
C ALA B 111 7.34 -19.33 6.50
N TRP B 112 7.45 -18.12 5.97
CA TRP B 112 6.91 -16.94 6.64
C TRP B 112 5.43 -16.75 6.33
N VAL B 113 4.59 -17.11 7.30
CA VAL B 113 3.14 -16.99 7.15
C VAL B 113 2.62 -15.75 7.84
N CYS B 114 1.51 -15.21 7.34
CA CYS B 114 0.87 -14.05 7.95
C CYS B 114 -0.04 -14.49 9.09
N THR B 115 0.25 -14.03 10.30
CA THR B 115 -0.54 -14.38 11.47
C THR B 115 -1.60 -13.32 11.75
N ASN B 116 -1.34 -12.09 11.32
CA ASN B 116 -2.23 -10.97 11.57
C ASN B 116 -2.28 -10.00 10.39
N ASP B 117 -3.49 -9.55 10.07
CA ASP B 117 -3.74 -8.70 8.91
C ASP B 117 -4.84 -7.69 9.21
N MET B 118 -4.58 -6.41 8.90
CA MET B 118 -5.54 -5.34 9.15
C MET B 118 -5.60 -4.37 7.96
N PHE B 119 -6.80 -4.11 7.46
CA PHE B 119 -6.98 -3.24 6.29
C PHE B 119 -8.02 -2.15 6.51
N ARG B 120 -7.68 -0.94 6.06
CA ARG B 120 -8.60 0.20 6.07
C ARG B 120 -8.38 1.07 4.84
N LEU B 121 -9.48 1.60 4.29
CA LEU B 121 -9.39 2.63 3.27
C LEU B 121 -9.01 3.95 3.92
N ALA B 122 -8.33 4.82 3.18
CA ALA B 122 -7.99 6.14 3.69
C ALA B 122 -9.17 7.10 3.52
N LEU B 123 -10.28 6.79 4.17
CA LEU B 123 -11.45 7.67 4.20
C LEU B 123 -11.74 8.07 5.64
N HIS B 124 -12.22 9.30 5.82
CA HIS B 124 -12.30 9.91 7.14
C HIS B 124 -13.65 10.56 7.40
N ASN B 125 -13.74 11.31 8.50
CA ASN B 125 -14.99 11.91 8.94
C ASN B 125 -15.10 13.40 8.60
N PHE B 126 -13.96 14.03 8.32
CA PHE B 126 -13.93 15.47 8.05
C PHE B 126 -13.52 15.75 6.61
N GLY B 127 -14.36 16.50 5.90
CA GLY B 127 -14.08 16.86 4.53
C GLY B 127 -12.94 17.86 4.42
N GLN C 8 -32.40 29.58 2.00
CA GLN C 8 -33.06 28.50 1.29
C GLN C 8 -33.19 27.27 2.20
N VAL C 9 -34.15 26.40 1.87
CA VAL C 9 -34.40 25.20 2.65
C VAL C 9 -33.65 24.01 2.04
N GLN C 10 -32.58 23.58 2.70
CA GLN C 10 -31.75 22.47 2.21
C GLN C 10 -31.70 21.32 3.22
N PHE C 11 -31.72 20.09 2.70
CA PHE C 11 -31.65 18.89 3.54
C PHE C 11 -30.54 17.95 3.07
N LYS C 12 -29.71 17.50 4.01
CA LYS C 12 -28.70 16.50 3.70
C LYS C 12 -29.36 15.12 3.60
N LEU C 13 -29.23 14.50 2.44
CA LEU C 13 -29.79 13.18 2.19
C LEU C 13 -28.65 12.23 1.88
N VAL C 14 -28.51 11.18 2.70
CA VAL C 14 -27.51 10.16 2.44
C VAL C 14 -28.13 9.01 1.65
N LEU C 15 -27.51 8.70 0.52
CA LEU C 15 -27.93 7.61 -0.36
C LEU C 15 -27.02 6.42 -0.15
N VAL C 16 -27.54 5.39 0.50
CA VAL C 16 -26.74 4.23 0.89
C VAL C 16 -27.36 2.95 0.36
N GLY C 17 -26.64 1.85 0.51
CA GLY C 17 -27.06 0.56 -0.03
C GLY C 17 -25.89 -0.19 -0.65
N ASP C 18 -26.10 -1.47 -0.93
CA ASP C 18 -25.05 -2.32 -1.49
C ASP C 18 -24.53 -1.81 -2.82
N GLY C 19 -23.28 -2.14 -3.11
CA GLY C 19 -22.66 -1.82 -4.38
C GLY C 19 -23.38 -2.49 -5.53
N GLY C 20 -23.62 -1.73 -6.60
CA GLY C 20 -24.25 -2.25 -7.79
C GLY C 20 -25.78 -2.27 -7.75
N THR C 21 -26.35 -1.64 -6.74
CA THR C 21 -27.82 -1.58 -6.62
C THR C 21 -28.40 -0.45 -7.47
N GLY C 22 -27.53 0.44 -7.94
CA GLY C 22 -27.92 1.49 -8.86
C GLY C 22 -28.07 2.86 -8.21
N LYS C 23 -27.34 3.06 -7.11
CA LYS C 23 -27.41 4.31 -6.37
C LYS C 23 -26.93 5.49 -7.22
N THR C 24 -25.77 5.34 -7.83
CA THR C 24 -25.17 6.42 -8.62
C THR C 24 -25.99 6.71 -9.86
N THR C 25 -26.49 5.67 -10.52
CA THR C 25 -27.33 5.85 -11.70
C THR C 25 -28.59 6.62 -11.34
N PHE C 26 -29.14 6.33 -10.16
CA PHE C 26 -30.35 7.00 -9.70
C PHE C 26 -30.13 8.50 -9.55
N VAL C 27 -29.15 8.88 -8.74
CA VAL C 27 -28.92 10.30 -8.43
C VAL C 27 -28.51 11.10 -9.66
N LYS C 28 -27.75 10.48 -10.56
CA LYS C 28 -27.24 11.17 -11.74
C LYS C 28 -28.36 11.58 -12.69
N ARG C 29 -29.55 11.03 -12.50
CA ARG C 29 -30.70 11.34 -13.33
C ARG C 29 -31.02 12.83 -13.32
N HIS C 30 -30.94 13.43 -12.14
CA HIS C 30 -31.18 14.85 -11.95
C HIS C 30 -30.04 15.65 -12.59
N LEU C 31 -30.32 16.28 -13.73
CA LEU C 31 -29.27 16.86 -14.57
C LEU C 31 -28.52 18.04 -13.95
N THR C 32 -29.23 19.03 -13.42
CA THR C 32 -28.55 20.17 -12.80
C THR C 32 -27.81 19.74 -11.54
N GLY C 33 -28.26 18.64 -10.95
CA GLY C 33 -27.60 18.07 -9.78
C GLY C 33 -26.30 17.39 -10.14
N GLU C 34 -26.28 16.74 -11.31
CA GLU C 34 -25.07 16.12 -11.82
C GLU C 34 -24.06 17.19 -12.24
N PHE C 35 -24.56 18.21 -12.91
CA PHE C 35 -23.71 19.28 -13.43
C PHE C 35 -23.09 20.10 -12.30
N GLU C 36 -23.80 20.21 -11.18
CA GLU C 36 -23.37 21.04 -10.06
C GLU C 36 -22.78 20.24 -8.91
N LYS C 37 -22.49 18.96 -9.14
CA LYS C 37 -22.03 18.10 -8.06
C LYS C 37 -20.63 18.48 -7.60
N LYS C 38 -20.27 18.05 -6.39
CA LYS C 38 -18.95 18.30 -5.84
C LYS C 38 -18.36 17.06 -5.20
N TYR C 39 -17.18 16.67 -5.64
CA TYR C 39 -16.48 15.51 -5.10
C TYR C 39 -15.62 15.90 -3.91
N VAL C 40 -15.79 15.19 -2.80
CA VAL C 40 -14.96 15.37 -1.61
C VAL C 40 -14.17 14.08 -1.36
N ALA C 41 -12.90 14.11 -1.74
CA ALA C 41 -12.07 12.91 -1.77
C ALA C 41 -11.86 12.28 -0.40
N THR C 42 -11.62 13.11 0.62
CA THR C 42 -11.35 12.61 1.96
C THR C 42 -12.55 11.87 2.56
N LEU C 43 -13.75 12.24 2.12
CA LEU C 43 -14.98 11.61 2.61
C LEU C 43 -15.46 10.50 1.68
N GLY C 44 -14.89 10.45 0.47
CA GLY C 44 -15.34 9.50 -0.53
C GLY C 44 -16.79 9.71 -0.89
N VAL C 45 -17.15 10.94 -1.24
CA VAL C 45 -18.52 11.28 -1.60
C VAL C 45 -18.60 12.28 -2.75
N GLU C 46 -19.64 12.14 -3.56
CA GLU C 46 -20.06 13.17 -4.50
C GLU C 46 -21.41 13.71 -4.07
N VAL C 47 -21.45 14.98 -3.69
CA VAL C 47 -22.69 15.61 -3.26
C VAL C 47 -23.41 16.23 -4.45
N HIS C 48 -24.59 15.70 -4.76
CA HIS C 48 -25.41 16.21 -5.85
C HIS C 48 -26.50 17.14 -5.31
N PRO C 49 -26.34 18.47 -5.53
CA PRO C 49 -27.36 19.41 -5.07
C PRO C 49 -28.62 19.36 -5.93
N LEU C 50 -29.66 18.64 -5.46
CA LEU C 50 -30.88 18.45 -6.23
C LEU C 50 -31.98 19.42 -5.79
N VAL C 51 -32.25 20.41 -6.64
CA VAL C 51 -33.32 21.37 -6.38
C VAL C 51 -34.67 20.82 -6.84
N PHE C 52 -35.69 21.05 -6.02
CA PHE C 52 -37.08 20.74 -6.38
C PHE C 52 -37.96 21.97 -6.16
N HIS C 53 -38.72 22.34 -7.20
CA HIS C 53 -39.65 23.46 -7.09
C HIS C 53 -41.01 22.95 -6.60
N THR C 54 -41.44 23.47 -5.45
CA THR C 54 -42.65 22.99 -4.80
C THR C 54 -43.68 24.11 -4.69
N ASN C 55 -44.91 23.75 -4.32
CA ASN C 55 -45.95 24.74 -4.09
C ASN C 55 -45.66 25.58 -2.85
N ARG C 56 -44.58 25.22 -2.15
CA ARG C 56 -44.11 25.96 -0.98
C ARG C 56 -42.76 26.60 -1.25
N GLY C 57 -42.38 26.67 -2.53
CA GLY C 57 -41.13 27.29 -2.94
C GLY C 57 -40.04 26.26 -3.20
N PRO C 58 -38.84 26.72 -3.56
CA PRO C 58 -37.73 25.82 -3.87
C PRO C 58 -37.16 25.14 -2.63
N ILE C 59 -36.96 23.83 -2.71
CA ILE C 59 -36.22 23.10 -1.69
C ILE C 59 -35.06 22.38 -2.37
N LYS C 60 -34.06 22.03 -1.58
CA LYS C 60 -32.84 21.43 -2.11
C LYS C 60 -32.45 20.19 -1.30
N PHE C 61 -32.38 19.05 -1.98
CA PHE C 61 -31.84 17.84 -1.37
C PHE C 61 -30.39 17.66 -1.78
N ASN C 62 -29.48 17.85 -0.83
CA ASN C 62 -28.07 17.58 -1.06
C ASN C 62 -27.78 16.10 -0.88
N VAL C 63 -27.76 15.37 -2.00
CA VAL C 63 -27.66 13.92 -1.97
C VAL C 63 -26.21 13.46 -1.97
N TRP C 64 -25.84 12.70 -0.93
CA TRP C 64 -24.50 12.14 -0.81
C TRP C 64 -24.42 10.76 -1.46
N ASP C 65 -23.66 10.67 -2.55
CA ASP C 65 -23.42 9.41 -3.24
C ASP C 65 -22.00 8.94 -3.00
N THR C 66 -21.82 7.64 -2.78
CA THR C 66 -20.51 7.10 -2.44
C THR C 66 -19.56 7.07 -3.62
N ALA C 67 -18.27 6.96 -3.32
CA ALA C 67 -17.24 6.72 -4.33
C ALA C 67 -16.99 5.21 -4.46
N GLY C 68 -17.98 4.41 -4.09
CA GLY C 68 -17.91 2.97 -4.26
C GLY C 68 -17.31 2.22 -3.07
N GLN C 69 -17.02 2.93 -1.98
CA GLN C 69 -16.35 2.30 -0.84
C GLN C 69 -17.25 1.32 -0.08
N GLU C 70 -18.53 1.25 -0.43
CA GLU C 70 -19.42 0.30 0.23
C GLU C 70 -19.09 -1.13 -0.19
N LYS C 71 -18.26 -1.25 -1.22
CA LYS C 71 -17.78 -2.56 -1.68
C LYS C 71 -16.79 -3.15 -0.68
N PHE C 72 -16.09 -2.29 0.04
CA PHE C 72 -15.07 -2.72 0.98
C PHE C 72 -15.62 -2.91 2.39
N GLY C 73 -16.68 -2.19 2.71
CA GLY C 73 -17.29 -2.28 4.02
C GLY C 73 -18.26 -1.14 4.28
N GLY C 74 -18.47 -0.82 5.55
CA GLY C 74 -19.41 0.22 5.93
C GLY C 74 -18.88 1.62 5.70
N LEU C 75 -19.77 2.60 5.77
CA LEU C 75 -19.40 3.99 5.57
C LEU C 75 -19.00 4.65 6.89
N ARG C 76 -18.22 5.73 6.80
CA ARG C 76 -17.73 6.43 7.97
C ARG C 76 -18.84 7.25 8.61
N ASP C 77 -18.69 7.55 9.89
CA ASP C 77 -19.64 8.40 10.61
C ASP C 77 -19.83 9.74 9.91
N GLY C 78 -18.73 10.31 9.43
CA GLY C 78 -18.77 11.60 8.77
C GLY C 78 -19.66 11.61 7.54
N TYR C 79 -19.89 10.44 6.97
CA TYR C 79 -20.80 10.29 5.84
C TYR C 79 -22.24 10.45 6.32
N TYR C 80 -22.52 9.90 7.50
CA TYR C 80 -23.87 9.90 8.06
C TYR C 80 -24.18 11.16 8.86
N ILE C 81 -23.16 11.79 9.41
CA ILE C 81 -23.35 12.88 10.37
C ILE C 81 -24.16 14.02 9.79
N GLN C 82 -25.16 14.45 10.57
CA GLN C 82 -26.05 15.56 10.22
C GLN C 82 -26.92 15.30 8.98
N ALA C 83 -27.12 14.04 8.65
CA ALA C 83 -28.12 13.70 7.65
C ALA C 83 -29.50 13.95 8.25
N GLN C 84 -30.40 14.48 7.45
CA GLN C 84 -31.75 14.80 7.91
C GLN C 84 -32.76 13.83 7.30
N CYS C 85 -32.29 13.04 6.35
CA CYS C 85 -33.10 11.98 5.74
C CYS C 85 -32.16 11.03 5.00
N ALA C 86 -32.71 9.94 4.48
CA ALA C 86 -31.89 8.95 3.79
C ALA C 86 -32.70 8.11 2.80
N ILE C 87 -32.01 7.65 1.76
CA ILE C 87 -32.56 6.64 0.86
C ILE C 87 -31.71 5.38 0.95
N ILE C 88 -32.36 4.28 1.31
CA ILE C 88 -31.72 2.96 1.29
C ILE C 88 -32.18 2.25 0.02
N MET C 89 -31.23 1.84 -0.79
CA MET C 89 -31.54 1.19 -2.07
C MET C 89 -31.13 -0.27 -2.09
N PHE C 90 -31.85 -1.05 -2.87
CA PHE C 90 -31.45 -2.42 -3.17
C PHE C 90 -31.85 -2.79 -4.58
N ASP C 91 -31.42 -3.97 -5.02
CA ASP C 91 -31.65 -4.47 -6.36
C ASP C 91 -32.73 -5.54 -6.33
N VAL C 92 -33.84 -5.31 -7.02
CA VAL C 92 -34.95 -6.26 -7.00
C VAL C 92 -34.57 -7.58 -7.65
N THR C 93 -33.46 -7.59 -8.40
CA THR C 93 -32.99 -8.81 -9.05
C THR C 93 -31.96 -9.56 -8.19
N SER C 94 -31.48 -8.90 -7.14
CA SER C 94 -30.52 -9.51 -6.22
C SER C 94 -31.06 -9.53 -4.80
N ARG C 95 -31.44 -10.72 -4.33
CA ARG C 95 -32.06 -10.86 -3.03
C ARG C 95 -31.11 -10.52 -1.88
N VAL C 96 -29.81 -10.72 -2.09
CA VAL C 96 -28.83 -10.46 -1.06
C VAL C 96 -28.73 -8.95 -0.75
N THR C 97 -28.91 -8.12 -1.78
CA THR C 97 -28.88 -6.68 -1.56
C THR C 97 -30.06 -6.24 -0.69
N TYR C 98 -31.12 -7.03 -0.71
CA TYR C 98 -32.32 -6.72 0.05
C TYR C 98 -32.19 -7.21 1.50
N LYS C 99 -31.50 -8.32 1.69
CA LYS C 99 -31.27 -8.86 3.03
C LYS C 99 -30.23 -8.05 3.78
N ASN C 100 -29.53 -7.16 3.06
CA ASN C 100 -28.55 -6.27 3.68
C ASN C 100 -29.17 -4.93 4.09
N VAL C 101 -30.46 -4.75 3.79
CA VAL C 101 -31.14 -3.49 4.09
C VAL C 101 -31.13 -3.21 5.60
N PRO C 102 -31.43 -4.22 6.43
CA PRO C 102 -31.40 -3.97 7.88
C PRO C 102 -30.02 -3.56 8.39
N ASN C 103 -28.96 -4.13 7.82
CA ASN C 103 -27.61 -3.74 8.21
C ASN C 103 -27.34 -2.28 7.89
N TRP C 104 -27.82 -1.83 6.73
CA TRP C 104 -27.69 -0.43 6.34
C TRP C 104 -28.52 0.46 7.27
N HIS C 105 -29.76 0.03 7.52
CA HIS C 105 -30.64 0.74 8.44
C HIS C 105 -29.96 0.87 9.80
N ARG C 106 -29.35 -0.21 10.27
CA ARG C 106 -28.65 -0.23 11.53
C ARG C 106 -27.49 0.76 11.55
N ASP C 107 -26.66 0.71 10.51
CA ASP C 107 -25.51 1.59 10.42
C ASP C 107 -25.94 3.05 10.41
N LEU C 108 -27.06 3.31 9.74
CA LEU C 108 -27.61 4.65 9.64
C LEU C 108 -28.12 5.14 10.99
N VAL C 109 -28.92 4.32 11.65
CA VAL C 109 -29.57 4.70 12.91
C VAL C 109 -28.52 4.94 13.99
N ARG C 110 -27.43 4.18 13.94
CA ARG C 110 -26.39 4.29 14.95
C ARG C 110 -25.80 5.69 14.98
N VAL C 111 -25.73 6.36 13.83
CA VAL C 111 -25.31 7.75 13.78
C VAL C 111 -26.50 8.70 13.86
N CYS C 112 -27.57 8.38 13.13
CA CYS C 112 -28.77 9.23 13.06
C CYS C 112 -30.02 8.51 13.53
N GLU C 113 -30.42 8.77 14.77
CA GLU C 113 -31.49 8.02 15.42
C GLU C 113 -32.85 8.05 14.69
N ASN C 114 -33.38 9.25 14.44
CA ASN C 114 -34.80 9.40 14.10
C ASN C 114 -35.13 10.08 12.77
N ILE C 115 -34.27 9.97 11.77
CA ILE C 115 -34.55 10.62 10.49
C ILE C 115 -35.45 9.77 9.60
N PRO C 116 -36.28 10.44 8.77
CA PRO C 116 -37.12 9.68 7.83
C PRO C 116 -36.27 8.96 6.77
N ILE C 117 -36.75 7.79 6.35
CA ILE C 117 -36.02 6.95 5.41
C ILE C 117 -36.97 6.44 4.34
N VAL C 118 -36.51 6.41 3.10
CA VAL C 118 -37.25 5.75 2.02
C VAL C 118 -36.46 4.56 1.51
N LEU C 119 -37.13 3.42 1.40
CA LEU C 119 -36.55 2.21 0.85
C LEU C 119 -36.88 2.13 -0.64
N CYS C 120 -35.90 1.80 -1.47
CA CYS C 120 -36.09 1.73 -2.92
C CYS C 120 -35.59 0.41 -3.51
N GLY C 121 -36.51 -0.32 -4.13
CA GLY C 121 -36.15 -1.47 -4.94
C GLY C 121 -35.93 -1.03 -6.38
N ASN C 122 -34.67 -1.03 -6.80
CA ASN C 122 -34.29 -0.50 -8.10
C ASN C 122 -34.32 -1.59 -9.18
N LYS C 123 -34.29 -1.17 -10.44
CA LYS C 123 -34.25 -2.08 -11.58
C LYS C 123 -35.53 -2.91 -11.72
N VAL C 124 -36.68 -2.29 -11.53
CA VAL C 124 -37.97 -2.97 -11.70
C VAL C 124 -38.35 -3.10 -13.17
N ASP C 125 -37.52 -2.54 -14.04
CA ASP C 125 -37.71 -2.67 -15.48
C ASP C 125 -37.23 -4.03 -15.96
N ILE C 126 -36.34 -4.65 -15.19
CA ILE C 126 -35.87 -5.99 -15.50
C ILE C 126 -36.99 -6.98 -15.16
N LYS C 127 -37.49 -7.65 -16.17
CA LYS C 127 -38.71 -8.44 -16.05
C LYS C 127 -38.57 -9.59 -15.05
N ASP C 128 -37.43 -10.28 -15.10
CA ASP C 128 -37.17 -11.34 -14.15
C ASP C 128 -36.80 -10.76 -12.79
N ARG C 129 -37.81 -10.56 -11.96
CA ARG C 129 -37.65 -9.87 -10.68
C ARG C 129 -37.70 -10.86 -9.51
N LYS C 130 -36.72 -10.76 -8.61
CA LYS C 130 -36.57 -11.72 -7.52
C LYS C 130 -37.28 -11.28 -6.23
N VAL C 131 -37.36 -9.98 -6.01
CA VAL C 131 -37.99 -9.43 -4.81
C VAL C 131 -39.28 -8.68 -5.17
N LYS C 132 -40.41 -9.27 -4.79
CA LYS C 132 -41.72 -8.75 -5.17
C LYS C 132 -42.46 -8.16 -3.97
N ALA C 133 -43.51 -7.39 -4.27
CA ALA C 133 -44.30 -6.69 -3.26
C ALA C 133 -44.67 -7.57 -2.06
N LYS C 134 -44.90 -8.85 -2.31
CA LYS C 134 -45.22 -9.79 -1.24
C LYS C 134 -44.19 -9.77 -0.11
N SER C 135 -42.92 -9.84 -0.49
CA SER C 135 -41.84 -9.97 0.47
C SER C 135 -41.45 -8.65 1.12
N ILE C 136 -41.82 -7.54 0.49
CA ILE C 136 -41.37 -6.23 0.95
C ILE C 136 -42.30 -5.67 2.04
N VAL C 137 -43.60 -5.93 1.91
CA VAL C 137 -44.55 -5.49 2.93
C VAL C 137 -44.79 -6.58 3.96
N ASN C 143 -42.19 6.54 9.43
CA ASN C 143 -40.90 7.13 9.05
C ASN C 143 -40.12 6.24 8.09
N LEU C 144 -40.77 5.20 7.56
CA LEU C 144 -40.17 4.37 6.53
C LEU C 144 -41.17 4.03 5.44
N GLN C 145 -40.89 4.52 4.23
CA GLN C 145 -41.72 4.30 3.06
C GLN C 145 -40.98 3.47 2.02
N TYR C 146 -41.72 2.73 1.22
CA TYR C 146 -41.14 1.99 0.10
C TYR C 146 -41.67 2.47 -1.24
N TYR C 147 -40.79 2.47 -2.24
CA TYR C 147 -41.19 2.66 -3.62
C TYR C 147 -40.39 1.76 -4.57
N ASP C 148 -41.06 1.22 -5.57
CA ASP C 148 -40.39 0.66 -6.72
C ASP C 148 -39.78 1.80 -7.53
N ILE C 149 -38.54 1.63 -7.97
CA ILE C 149 -37.94 2.58 -8.91
C ILE C 149 -37.16 1.85 -9.98
N SER C 150 -36.98 2.53 -11.11
CA SER C 150 -36.06 2.09 -12.14
C SER C 150 -35.28 3.30 -12.63
N ALA C 151 -34.01 3.36 -12.23
CA ALA C 151 -33.18 4.53 -12.50
C ALA C 151 -32.98 4.76 -13.99
N LYS C 152 -32.84 3.67 -14.74
CA LYS C 152 -32.56 3.77 -16.17
C LYS C 152 -33.75 4.32 -16.96
N SER C 153 -34.95 4.21 -16.39
CA SER C 153 -36.18 4.62 -17.08
C SER C 153 -36.86 5.84 -16.47
N ASN C 154 -36.21 6.45 -15.46
CA ASN C 154 -36.79 7.57 -14.72
C ASN C 154 -38.07 7.20 -13.97
N TYR C 155 -38.40 5.91 -13.91
CA TYR C 155 -39.65 5.48 -13.30
C TYR C 155 -39.69 5.79 -11.80
N ASN C 156 -40.73 6.51 -11.39
CA ASN C 156 -40.93 6.89 -9.99
C ASN C 156 -39.78 7.70 -9.38
N PHE C 157 -39.00 8.38 -10.23
CA PHE C 157 -37.85 9.13 -9.72
C PHE C 157 -38.22 10.12 -8.63
N GLU C 158 -39.36 10.79 -8.78
CA GLU C 158 -39.73 11.88 -7.89
C GLU C 158 -40.30 11.39 -6.57
N LYS C 159 -40.76 10.14 -6.52
CA LYS C 159 -41.53 9.63 -5.39
C LYS C 159 -40.83 9.73 -4.04
N PRO C 160 -39.57 9.24 -3.94
CA PRO C 160 -38.91 9.31 -2.63
C PRO C 160 -38.71 10.73 -2.15
N PHE C 161 -38.41 11.63 -3.08
CA PHE C 161 -38.10 13.02 -2.74
C PHE C 161 -39.34 13.79 -2.30
N LEU C 162 -40.48 13.46 -2.90
CA LEU C 162 -41.74 14.13 -2.54
C LEU C 162 -42.16 13.71 -1.14
N TRP C 163 -42.07 12.42 -0.85
CA TRP C 163 -42.43 11.91 0.47
C TRP C 163 -41.54 12.52 1.54
N LEU C 164 -40.23 12.51 1.31
CA LEU C 164 -39.28 13.07 2.26
C LEU C 164 -39.51 14.56 2.48
N ALA C 165 -39.89 15.28 1.43
CA ALA C 165 -40.11 16.72 1.52
C ALA C 165 -41.35 17.01 2.37
N ARG C 166 -42.43 16.28 2.13
CA ARG C 166 -43.64 16.41 2.93
C ARG C 166 -43.33 16.11 4.39
N LYS C 167 -42.61 15.01 4.60
CA LYS C 167 -42.24 14.56 5.93
C LYS C 167 -41.35 15.57 6.66
N LEU C 168 -40.33 16.06 5.96
CA LEU C 168 -39.37 16.98 6.54
C LEU C 168 -39.97 18.34 6.86
N ILE C 169 -40.75 18.87 5.91
CA ILE C 169 -41.35 20.18 6.05
C ILE C 169 -42.60 20.10 6.94
N GLY C 170 -43.23 18.93 6.95
CA GLY C 170 -44.41 18.71 7.77
C GLY C 170 -45.67 19.23 7.10
N ASP C 171 -45.74 19.04 5.79
CA ASP C 171 -46.88 19.46 5.00
C ASP C 171 -47.30 18.30 4.09
N PRO C 172 -48.36 17.58 4.47
CA PRO C 172 -48.77 16.42 3.64
C PRO C 172 -49.35 16.84 2.29
N ASN C 173 -49.58 18.13 2.10
CA ASN C 173 -50.14 18.64 0.86
C ASN C 173 -49.11 19.35 -0.02
N LEU C 174 -47.84 19.22 0.33
CA LEU C 174 -46.77 19.76 -0.50
C LEU C 174 -46.79 19.03 -1.84
N GLU C 175 -46.67 19.79 -2.92
CA GLU C 175 -46.62 19.24 -4.27
C GLU C 175 -45.40 19.77 -4.99
N PHE C 176 -44.86 18.97 -5.92
CA PHE C 176 -43.85 19.46 -6.86
C PHE C 176 -44.57 20.14 -8.02
N VAL C 177 -44.42 21.45 -8.11
CA VAL C 177 -45.05 22.22 -9.18
C VAL C 177 -44.26 22.08 -10.48
N ALA C 178 -43.11 21.39 -10.41
CA ALA C 178 -42.31 21.14 -11.59
C ALA C 178 -41.37 19.97 -11.39
N MET C 179 -41.23 19.15 -12.42
CA MET C 179 -40.33 17.99 -12.40
C MET C 179 -38.94 18.42 -12.86
N PRO C 180 -37.88 17.99 -12.15
CA PRO C 180 -36.54 18.35 -12.62
C PRO C 180 -36.24 17.73 -13.98
N ALA C 181 -35.39 18.38 -14.76
CA ALA C 181 -34.97 17.83 -16.03
C ALA C 181 -34.17 16.55 -15.78
N LEU C 182 -34.64 15.45 -16.35
CA LEU C 182 -34.00 14.15 -16.14
C LEU C 182 -33.31 13.68 -17.41
N ALA C 183 -32.18 12.99 -17.23
CA ALA C 183 -31.51 12.33 -18.34
C ALA C 183 -32.51 11.44 -19.07
N PRO C 184 -32.51 11.47 -20.41
CA PRO C 184 -33.53 10.69 -21.13
C PRO C 184 -33.47 9.20 -20.80
N PRO C 185 -34.63 8.52 -20.73
CA PRO C 185 -34.65 7.08 -20.45
C PRO C 185 -33.70 6.30 -21.35
N GLU C 186 -32.94 5.38 -20.74
CA GLU C 186 -32.07 4.48 -21.50
C GLU C 186 -32.74 3.12 -21.64
N VAL C 187 -33.88 2.97 -20.96
CA VAL C 187 -34.67 1.76 -20.97
C VAL C 187 -36.14 2.15 -20.93
N VAL C 188 -37.01 1.32 -21.50
CA VAL C 188 -38.45 1.53 -21.39
C VAL C 188 -39.01 0.74 -20.22
N MET C 189 -39.82 1.42 -19.41
CA MET C 189 -40.57 0.76 -18.35
C MET C 189 -41.91 0.33 -18.92
N ASP C 190 -42.16 -0.97 -18.94
CA ASP C 190 -43.39 -1.51 -19.49
C ASP C 190 -44.59 -0.92 -18.75
N PRO C 191 -45.53 -0.28 -19.49
CA PRO C 191 -46.67 0.36 -18.79
C PRO C 191 -47.54 -0.63 -18.05
N ALA C 192 -47.69 -1.85 -18.57
CA ALA C 192 -48.53 -2.86 -17.95
C ALA C 192 -47.90 -3.38 -16.66
N LEU C 193 -46.58 -3.59 -16.68
CA LEU C 193 -45.87 -4.04 -15.49
C LEU C 193 -45.94 -3.00 -14.38
N ALA C 194 -45.72 -1.74 -14.76
CA ALA C 194 -45.79 -0.64 -13.80
C ALA C 194 -47.14 -0.60 -13.12
N ALA C 195 -48.21 -0.63 -13.93
CA ALA C 195 -49.57 -0.60 -13.41
C ALA C 195 -49.82 -1.75 -12.44
N GLN C 196 -49.33 -2.94 -12.78
CA GLN C 196 -49.47 -4.10 -11.91
C GLN C 196 -48.66 -3.91 -10.63
N TYR C 197 -47.40 -3.49 -10.78
CA TYR C 197 -46.54 -3.21 -9.63
C TYR C 197 -47.19 -2.19 -8.71
N GLU C 198 -47.74 -1.14 -9.31
CA GLU C 198 -48.39 -0.08 -8.55
C GLU C 198 -49.67 -0.59 -7.87
N HIS C 199 -50.39 -1.47 -8.55
CA HIS C 199 -51.60 -2.05 -7.98
C HIS C 199 -51.27 -2.92 -6.78
N ASP C 200 -50.31 -3.82 -6.95
CA ASP C 200 -49.84 -4.69 -5.88
C ASP C 200 -49.54 -3.93 -4.59
N LEU C 201 -48.82 -2.82 -4.71
CA LEU C 201 -48.37 -2.06 -3.56
C LEU C 201 -49.50 -1.23 -2.92
N GLU C 202 -50.35 -0.65 -3.77
CA GLU C 202 -51.48 0.16 -3.30
C GLU C 202 -52.34 -0.57 -2.27
N VAL C 203 -52.45 -1.87 -2.45
CA VAL C 203 -53.45 -2.67 -1.74
C VAL C 203 -52.92 -3.22 -0.42
N ALA C 204 -53.46 -2.69 0.68
CA ALA C 204 -53.14 -3.18 2.01
C ALA C 204 -54.11 -2.60 3.05
N PRO D 7 -4.13 25.88 -23.24
CA PRO D 7 -4.98 27.03 -22.98
C PRO D 7 -4.14 28.27 -22.64
N GLN D 8 -3.63 28.31 -21.40
CA GLN D 8 -2.79 29.41 -20.93
C GLN D 8 -1.36 28.93 -20.74
N VAL D 9 -0.41 29.85 -20.69
CA VAL D 9 0.97 29.50 -20.38
C VAL D 9 1.14 29.45 -18.86
N GLN D 10 0.93 28.25 -18.31
CA GLN D 10 1.07 28.03 -16.88
C GLN D 10 2.38 27.33 -16.58
N PHE D 11 3.00 27.70 -15.46
CA PHE D 11 4.23 27.09 -15.02
C PHE D 11 4.08 26.58 -13.59
N LYS D 12 4.32 25.29 -13.40
CA LYS D 12 4.31 24.72 -12.06
C LYS D 12 5.55 25.16 -11.31
N LEU D 13 5.32 25.92 -10.23
CA LEU D 13 6.40 26.35 -9.34
C LEU D 13 6.27 25.62 -8.01
N VAL D 14 7.25 24.80 -7.68
CA VAL D 14 7.28 24.16 -6.36
C VAL D 14 8.03 25.05 -5.38
N LEU D 15 7.40 25.30 -4.24
CA LEU D 15 7.97 26.11 -3.18
C LEU D 15 8.37 25.22 -2.00
N VAL D 16 9.67 25.15 -1.73
CA VAL D 16 10.20 24.24 -0.71
C VAL D 16 11.15 24.93 0.26
N GLY D 17 11.49 24.23 1.34
CA GLY D 17 12.35 24.76 2.38
C GLY D 17 11.91 24.26 3.74
N ASP D 18 12.78 24.42 4.73
CA ASP D 18 12.49 23.99 6.09
C ASP D 18 11.17 24.58 6.61
N GLY D 19 10.49 23.84 7.47
CA GLY D 19 9.31 24.34 8.15
C GLY D 19 9.63 25.59 8.94
N GLY D 20 8.71 26.53 8.95
CA GLY D 20 8.87 27.76 9.73
C GLY D 20 9.67 28.85 9.03
N THR D 21 10.06 28.61 7.77
CA THR D 21 10.85 29.58 7.04
C THR D 21 9.98 30.72 6.48
N GLY D 22 8.68 30.46 6.35
CA GLY D 22 7.73 31.46 5.91
C GLY D 22 7.21 31.23 4.51
N LYS D 23 7.31 30.00 4.02
CA LYS D 23 6.83 29.64 2.71
C LYS D 23 5.36 30.00 2.51
N THR D 24 4.53 29.57 3.45
CA THR D 24 3.09 29.77 3.35
C THR D 24 2.75 31.26 3.46
N THR D 25 3.37 31.95 4.42
CA THR D 25 3.17 33.38 4.59
C THR D 25 3.51 34.11 3.30
N PHE D 26 4.56 33.66 2.63
CA PHE D 26 5.04 34.29 1.42
C PHE D 26 4.04 34.15 0.26
N VAL D 27 3.61 32.93 -0.03
CA VAL D 27 2.71 32.70 -1.16
C VAL D 27 1.35 33.35 -0.94
N LYS D 28 0.94 33.46 0.33
CA LYS D 28 -0.37 34.02 0.67
C LYS D 28 -0.46 35.52 0.38
N ARG D 29 0.69 36.16 0.22
CA ARG D 29 0.74 37.59 -0.04
C ARG D 29 -0.05 37.97 -1.28
N HIS D 30 -0.02 37.10 -2.27
CA HIS D 30 -0.79 37.30 -3.50
C HIS D 30 -2.26 36.97 -3.26
N LEU D 31 -3.08 38.01 -3.15
CA LEU D 31 -4.45 37.87 -2.64
C LEU D 31 -5.37 37.02 -3.54
N THR D 32 -5.33 37.22 -4.85
CA THR D 32 -6.15 36.42 -5.75
C THR D 32 -5.72 34.96 -5.70
N GLY D 33 -4.42 34.74 -5.63
CA GLY D 33 -3.87 33.39 -5.57
C GLY D 33 -4.35 32.66 -4.32
N GLU D 34 -4.49 33.40 -3.22
CA GLU D 34 -5.03 32.84 -1.99
C GLU D 34 -6.52 32.55 -2.16
N PHE D 35 -7.23 33.56 -2.64
CA PHE D 35 -8.65 33.46 -2.92
C PHE D 35 -8.98 32.23 -3.79
N GLU D 36 -8.16 32.01 -4.81
CA GLU D 36 -8.44 30.97 -5.80
C GLU D 36 -7.60 29.70 -5.62
N LYS D 37 -6.96 29.55 -4.47
CA LYS D 37 -6.12 28.37 -4.24
C LYS D 37 -6.96 27.11 -4.14
N LYS D 38 -6.31 25.95 -4.20
CA LYS D 38 -6.98 24.67 -4.12
C LYS D 38 -6.16 23.68 -3.29
N TYR D 39 -6.78 23.14 -2.24
CA TYR D 39 -6.11 22.17 -1.39
C TYR D 39 -6.40 20.74 -1.83
N VAL D 40 -5.34 19.95 -1.97
CA VAL D 40 -5.45 18.53 -2.29
C VAL D 40 -4.74 17.73 -1.19
N ALA D 41 -5.53 17.20 -0.26
CA ALA D 41 -5.00 16.52 0.92
C ALA D 41 -4.21 15.27 0.55
N THR D 42 -4.68 14.57 -0.48
CA THR D 42 -4.01 13.36 -0.96
C THR D 42 -2.55 13.65 -1.31
N LEU D 43 -2.28 14.86 -1.77
CA LEU D 43 -0.93 15.26 -2.17
C LEU D 43 -0.25 16.12 -1.10
N GLY D 44 -1.04 16.67 -0.19
CA GLY D 44 -0.51 17.55 0.84
C GLY D 44 -0.01 18.85 0.24
N VAL D 45 -0.87 19.53 -0.50
CA VAL D 45 -0.48 20.77 -1.18
C VAL D 45 -1.65 21.72 -1.36
N GLU D 46 -1.37 23.01 -1.19
CA GLU D 46 -2.28 24.08 -1.61
C GLU D 46 -1.67 24.79 -2.82
N VAL D 47 -2.35 24.68 -3.95
CA VAL D 47 -1.86 25.28 -5.20
C VAL D 47 -2.44 26.68 -5.40
N HIS D 48 -1.57 27.68 -5.40
CA HIS D 48 -1.98 29.07 -5.59
C HIS D 48 -1.73 29.52 -7.03
N PRO D 49 -2.78 29.95 -7.76
CA PRO D 49 -2.56 30.54 -9.07
C PRO D 49 -2.11 32.00 -8.99
N LEU D 50 -0.81 32.24 -9.13
CA LEU D 50 -0.26 33.59 -9.04
C LEU D 50 -0.06 34.18 -10.43
N VAL D 51 -0.94 35.10 -10.81
CA VAL D 51 -0.82 35.77 -12.08
C VAL D 51 0.01 37.05 -11.93
N PHE D 52 0.96 37.20 -12.84
CA PHE D 52 1.73 38.43 -12.97
C PHE D 52 1.57 38.92 -14.40
N HIS D 53 1.61 40.23 -14.58
CA HIS D 53 1.44 40.82 -15.90
C HIS D 53 2.73 41.49 -16.35
N THR D 54 3.30 40.95 -17.42
CA THR D 54 4.55 41.47 -17.95
C THR D 54 4.28 42.48 -19.05
N ASN D 55 5.36 43.11 -19.53
CA ASN D 55 5.26 44.02 -20.66
C ASN D 55 4.87 43.27 -21.93
N ARG D 56 5.06 41.95 -21.90
CA ARG D 56 4.75 41.08 -23.03
C ARG D 56 3.53 40.19 -22.75
N GLY D 57 2.71 40.60 -21.79
CA GLY D 57 1.49 39.88 -21.46
C GLY D 57 1.52 39.20 -20.11
N PRO D 58 0.47 38.44 -19.78
CA PRO D 58 0.31 37.77 -18.49
C PRO D 58 1.04 36.42 -18.40
N ILE D 59 1.57 36.12 -17.22
CA ILE D 59 2.13 34.81 -16.92
C ILE D 59 1.51 34.30 -15.61
N LYS D 60 1.28 32.99 -15.55
CA LYS D 60 0.63 32.37 -14.40
C LYS D 60 1.53 31.32 -13.76
N PHE D 61 1.92 31.57 -12.51
CA PHE D 61 2.66 30.59 -11.71
C PHE D 61 1.70 29.81 -10.83
N ASN D 62 1.66 28.49 -11.02
CA ASN D 62 0.92 27.62 -10.11
C ASN D 62 1.84 27.18 -8.98
N VAL D 63 1.79 27.91 -7.88
CA VAL D 63 2.71 27.69 -6.77
C VAL D 63 2.22 26.58 -5.85
N TRP D 64 3.03 25.54 -5.71
CA TRP D 64 2.73 24.44 -4.80
C TRP D 64 3.28 24.73 -3.41
N ASP D 65 2.39 25.00 -2.46
CA ASP D 65 2.78 25.20 -1.06
C ASP D 65 2.41 23.96 -0.26
N THR D 66 3.33 23.50 0.58
CA THR D 66 3.11 22.28 1.36
C THR D 66 2.06 22.50 2.43
N ALA D 67 1.51 21.39 2.92
CA ALA D 67 0.60 21.41 4.06
C ALA D 67 1.38 21.21 5.35
N GLY D 68 2.68 21.49 5.31
CA GLY D 68 3.53 21.45 6.49
C GLY D 68 4.12 20.08 6.76
N GLN D 69 4.10 19.20 5.77
CA GLN D 69 4.59 17.83 5.96
C GLN D 69 6.11 17.78 6.01
N GLU D 70 6.79 18.87 5.69
CA GLU D 70 8.25 18.91 5.82
C GLU D 70 8.62 18.93 7.30
N LYS D 71 7.63 19.24 8.14
CA LYS D 71 7.82 19.20 9.59
C LYS D 71 7.76 17.76 10.11
N PHE D 72 7.34 16.83 9.25
CA PHE D 72 7.21 15.42 9.62
C PHE D 72 8.31 14.57 9.01
N GLY D 73 8.81 15.00 7.86
CA GLY D 73 9.79 14.22 7.11
C GLY D 73 9.96 14.75 5.71
N GLY D 74 10.36 13.88 4.79
CA GLY D 74 10.60 14.28 3.41
C GLY D 74 9.33 14.41 2.61
N LEU D 75 9.43 15.11 1.47
CA LEU D 75 8.31 15.21 0.55
C LEU D 75 8.29 14.00 -0.37
N ARG D 76 7.10 13.62 -0.84
CA ARG D 76 6.98 12.58 -1.85
C ARG D 76 7.54 13.13 -3.15
N ASP D 77 8.15 12.27 -3.96
CA ASP D 77 8.74 12.69 -5.22
C ASP D 77 7.70 13.30 -6.14
N GLY D 78 6.47 12.79 -6.06
CA GLY D 78 5.38 13.28 -6.88
C GLY D 78 4.98 14.71 -6.59
N TYR D 79 5.48 15.27 -5.50
CA TYR D 79 5.25 16.68 -5.21
C TYR D 79 6.06 17.54 -6.18
N TYR D 80 7.24 17.06 -6.54
CA TYR D 80 8.15 17.77 -7.43
C TYR D 80 7.84 17.55 -8.90
N ILE D 81 7.20 16.44 -9.23
CA ILE D 81 7.04 15.99 -10.61
C ILE D 81 6.48 17.10 -11.50
N GLN D 82 7.03 17.21 -12.71
CA GLN D 82 6.57 18.16 -13.72
C GLN D 82 6.68 19.61 -13.28
N ALA D 83 7.47 19.87 -12.25
CA ALA D 83 7.76 21.24 -11.85
C ALA D 83 8.65 21.88 -12.92
N GLN D 84 8.36 23.13 -13.26
CA GLN D 84 9.07 23.83 -14.33
C GLN D 84 9.98 24.91 -13.76
N CYS D 85 9.82 25.19 -12.48
CA CYS D 85 10.68 26.13 -11.76
C CYS D 85 10.48 25.94 -10.27
N ALA D 86 11.32 26.57 -9.44
CA ALA D 86 11.20 26.39 -8.00
C ALA D 86 11.77 27.57 -7.21
N ILE D 87 11.29 27.68 -5.98
CA ILE D 87 11.83 28.62 -5.01
C ILE D 87 12.23 27.84 -3.77
N ILE D 88 13.52 27.89 -3.44
CA ILE D 88 14.00 27.34 -2.18
C ILE D 88 14.05 28.47 -1.17
N MET D 89 13.55 28.19 0.03
CA MET D 89 13.30 29.20 1.04
C MET D 89 14.04 28.88 2.32
N PHE D 90 14.68 29.88 2.92
CA PHE D 90 15.25 29.72 4.24
C PHE D 90 15.02 30.97 5.09
N ASP D 91 15.42 30.87 6.36
CA ASP D 91 15.19 31.90 7.35
C ASP D 91 16.52 32.53 7.74
N VAL D 92 16.67 33.82 7.48
CA VAL D 92 17.96 34.48 7.72
C VAL D 92 18.27 34.62 9.21
N THR D 93 17.29 34.29 10.05
CA THR D 93 17.47 34.32 11.50
C THR D 93 17.75 32.93 12.05
N SER D 94 17.74 31.93 11.17
CA SER D 94 17.98 30.55 11.54
C SER D 94 19.01 29.91 10.63
N ARG D 95 20.21 29.70 11.15
CA ARG D 95 21.34 29.24 10.36
C ARG D 95 21.15 27.80 9.86
N VAL D 96 20.37 27.01 10.60
CA VAL D 96 20.15 25.62 10.19
C VAL D 96 19.30 25.54 8.92
N THR D 97 18.33 26.44 8.78
CA THR D 97 17.47 26.43 7.60
C THR D 97 18.29 26.70 6.35
N TYR D 98 19.34 27.50 6.50
CA TYR D 98 20.22 27.81 5.38
C TYR D 98 21.13 26.63 5.04
N LYS D 99 21.62 25.94 6.06
CA LYS D 99 22.51 24.80 5.84
C LYS D 99 21.76 23.60 5.25
N ASN D 100 20.43 23.63 5.33
CA ASN D 100 19.61 22.58 4.74
C ASN D 100 19.21 22.89 3.30
N VAL D 101 19.65 24.04 2.78
CA VAL D 101 19.32 24.43 1.42
C VAL D 101 19.89 23.44 0.39
N PRO D 102 21.15 23.01 0.56
CA PRO D 102 21.68 22.02 -0.38
C PRO D 102 20.90 20.72 -0.41
N ASN D 103 20.25 20.35 0.70
CA ASN D 103 19.40 19.17 0.74
C ASN D 103 18.18 19.36 -0.15
N TRP D 104 17.60 20.55 -0.11
CA TRP D 104 16.45 20.87 -0.94
C TRP D 104 16.87 20.94 -2.39
N HIS D 105 17.99 21.61 -2.65
CA HIS D 105 18.51 21.71 -4.00
C HIS D 105 18.82 20.31 -4.52
N ARG D 106 19.41 19.48 -3.67
CA ARG D 106 19.75 18.11 -4.02
C ARG D 106 18.53 17.36 -4.55
N ASP D 107 17.42 17.44 -3.81
CA ASP D 107 16.19 16.76 -4.20
C ASP D 107 15.63 17.30 -5.51
N LEU D 108 15.54 18.62 -5.62
CA LEU D 108 15.01 19.27 -6.81
C LEU D 108 15.74 18.80 -8.07
N VAL D 109 17.06 18.88 -8.07
CA VAL D 109 17.84 18.47 -9.24
C VAL D 109 17.63 16.98 -9.53
N ARG D 110 17.52 16.17 -8.49
CA ARG D 110 17.30 14.74 -8.68
C ARG D 110 15.97 14.47 -9.38
N VAL D 111 14.87 14.90 -8.78
CA VAL D 111 13.55 14.63 -9.32
C VAL D 111 13.26 15.44 -10.59
N CYS D 112 13.71 16.69 -10.62
CA CYS D 112 13.33 17.60 -11.68
C CYS D 112 14.39 17.79 -12.75
N GLU D 113 13.96 18.38 -13.87
CA GLU D 113 14.85 18.74 -14.96
C GLU D 113 15.70 19.91 -14.50
N ASN D 114 16.59 20.40 -15.37
CA ASN D 114 17.43 21.53 -14.97
C ASN D 114 16.60 22.82 -15.05
N ILE D 115 15.62 22.89 -14.16
CA ILE D 115 14.71 24.02 -14.10
C ILE D 115 15.36 25.20 -13.39
N PRO D 116 14.92 26.43 -13.69
CA PRO D 116 15.46 27.56 -12.93
C PRO D 116 15.01 27.53 -11.48
N ILE D 117 15.91 27.90 -10.57
CA ILE D 117 15.61 27.90 -9.14
C ILE D 117 16.04 29.24 -8.53
N VAL D 118 15.19 29.78 -7.66
CA VAL D 118 15.52 30.97 -6.91
C VAL D 118 15.71 30.62 -5.44
N LEU D 119 16.76 31.17 -4.84
CA LEU D 119 16.99 31.05 -3.41
C LEU D 119 16.47 32.32 -2.74
N CYS D 120 15.69 32.15 -1.67
CA CYS D 120 15.12 33.29 -0.96
C CYS D 120 15.40 33.20 0.54
N GLY D 121 16.05 34.23 1.06
CA GLY D 121 16.29 34.38 2.49
C GLY D 121 15.21 35.27 3.09
N ASN D 122 14.33 34.67 3.88
CA ASN D 122 13.14 35.37 4.36
C ASN D 122 13.33 35.97 5.76
N LYS D 123 12.42 36.89 6.11
CA LYS D 123 12.38 37.53 7.42
C LYS D 123 13.54 38.51 7.64
N VAL D 124 13.95 39.20 6.58
CA VAL D 124 15.05 40.15 6.68
C VAL D 124 14.63 41.45 7.37
N ASP D 125 13.36 41.53 7.75
CA ASP D 125 12.87 42.67 8.53
C ASP D 125 13.29 42.52 9.99
N ILE D 126 13.56 41.28 10.40
CA ILE D 126 14.02 41.03 11.76
C ILE D 126 15.47 41.47 11.87
N LYS D 127 15.74 42.34 12.85
CA LYS D 127 17.03 42.98 12.97
C LYS D 127 18.17 42.00 13.24
N ASP D 128 17.92 41.05 14.14
CA ASP D 128 18.95 40.10 14.53
C ASP D 128 19.14 39.04 13.44
N ARG D 129 19.90 39.40 12.41
CA ARG D 129 20.11 38.55 11.25
C ARG D 129 21.35 37.68 11.42
N LYS D 130 21.20 36.39 11.16
CA LYS D 130 22.27 35.40 11.35
C LYS D 130 22.99 35.07 10.05
N VAL D 131 22.22 34.90 8.97
CA VAL D 131 22.78 34.58 7.66
C VAL D 131 22.81 35.84 6.79
N LYS D 132 24.01 36.34 6.53
CA LYS D 132 24.20 37.60 5.80
C LYS D 132 24.67 37.37 4.37
N ALA D 133 24.67 38.44 3.59
CA ALA D 133 25.02 38.40 2.16
C ALA D 133 26.34 37.66 1.91
N LYS D 134 27.35 38.01 2.69
CA LYS D 134 28.69 37.42 2.54
C LYS D 134 28.66 35.91 2.53
N SER D 135 27.89 35.31 3.42
CA SER D 135 27.79 33.87 3.53
C SER D 135 27.03 33.26 2.35
N ILE D 136 26.12 34.05 1.79
CA ILE D 136 25.16 33.57 0.80
C ILE D 136 25.74 33.54 -0.62
N VAL D 137 26.56 34.54 -0.95
CA VAL D 137 27.07 34.70 -2.32
C VAL D 137 28.35 33.88 -2.53
N PHE D 138 28.78 33.16 -1.49
CA PHE D 138 30.03 32.38 -1.49
C PHE D 138 31.22 33.29 -1.31
N ASN D 143 21.83 29.92 -13.51
CA ASN D 143 20.60 29.14 -13.37
C ASN D 143 20.11 29.15 -11.92
N LEU D 144 20.80 29.89 -11.06
CA LEU D 144 20.39 30.08 -9.67
C LEU D 144 20.60 31.54 -9.28
N GLN D 145 19.63 32.08 -8.54
CA GLN D 145 19.69 33.47 -8.10
C GLN D 145 19.23 33.57 -6.64
N TYR D 146 19.70 34.61 -5.96
CA TYR D 146 19.31 34.86 -4.58
C TYR D 146 18.62 36.21 -4.42
N TYR D 147 17.67 36.27 -3.48
CA TYR D 147 17.06 37.53 -3.06
C TYR D 147 16.75 37.53 -1.58
N ASP D 148 17.01 38.66 -0.93
CA ASP D 148 16.42 38.92 0.37
C ASP D 148 14.92 39.14 0.16
N ILE D 149 14.10 38.61 1.07
CA ILE D 149 12.68 38.97 1.08
C ILE D 149 12.17 39.05 2.52
N SER D 150 11.12 39.84 2.70
CA SER D 150 10.35 39.83 3.93
C SER D 150 8.88 39.69 3.55
N ALA D 151 8.34 38.49 3.76
CA ALA D 151 6.97 38.21 3.38
C ALA D 151 6.00 39.13 4.09
N LYS D 152 6.25 39.40 5.37
CA LYS D 152 5.34 40.20 6.18
C LYS D 152 5.28 41.68 5.76
N SER D 153 6.20 42.10 4.88
CA SER D 153 6.25 43.50 4.44
C SER D 153 6.27 43.64 2.92
N ASN D 154 6.04 42.54 2.21
CA ASN D 154 6.04 42.52 0.74
C ASN D 154 7.38 42.94 0.13
N TYR D 155 8.42 43.04 0.95
CA TYR D 155 9.72 43.48 0.48
C TYR D 155 10.31 42.48 -0.53
N ASN D 156 10.59 42.99 -1.73
CA ASN D 156 11.14 42.17 -2.83
C ASN D 156 10.24 41.01 -3.23
N PHE D 157 8.94 41.13 -2.96
CA PHE D 157 8.02 40.03 -3.24
C PHE D 157 8.05 39.59 -4.71
N GLU D 158 8.17 40.55 -5.62
CA GLU D 158 8.06 40.25 -7.05
C GLU D 158 9.36 39.72 -7.65
N LYS D 159 10.48 39.93 -6.95
CA LYS D 159 11.80 39.65 -7.53
C LYS D 159 11.98 38.19 -7.98
N PRO D 160 11.64 37.22 -7.10
CA PRO D 160 11.81 35.82 -7.51
C PRO D 160 10.99 35.45 -8.75
N PHE D 161 9.80 36.03 -8.85
CA PHE D 161 8.89 35.70 -9.95
C PHE D 161 9.32 36.34 -11.26
N LEU D 162 9.88 37.55 -11.17
CA LEU D 162 10.37 38.25 -12.36
C LEU D 162 11.56 37.49 -12.96
N TRP D 163 12.48 37.04 -12.12
CA TRP D 163 13.66 36.32 -12.59
C TRP D 163 13.26 34.99 -13.25
N LEU D 164 12.36 34.28 -12.61
CA LEU D 164 11.88 33.00 -13.15
C LEU D 164 11.12 33.20 -14.44
N ALA D 165 10.34 34.28 -14.51
CA ALA D 165 9.58 34.59 -15.72
C ALA D 165 10.52 34.87 -16.88
N ARG D 166 11.57 35.65 -16.61
CA ARG D 166 12.58 35.96 -17.61
C ARG D 166 13.25 34.68 -18.12
N LYS D 167 13.66 33.82 -17.20
CA LYS D 167 14.31 32.56 -17.56
C LYS D 167 13.39 31.64 -18.38
N LEU D 168 12.18 31.45 -17.88
CA LEU D 168 11.23 30.52 -18.52
C LEU D 168 10.82 30.96 -19.92
N ILE D 169 10.61 32.26 -20.09
CA ILE D 169 10.17 32.81 -21.37
C ILE D 169 11.37 33.08 -22.28
N GLY D 170 12.54 33.26 -21.68
CA GLY D 170 13.76 33.48 -22.43
C GLY D 170 13.90 34.92 -22.86
N ASP D 171 13.34 35.83 -22.07
CA ASP D 171 13.44 37.27 -22.32
C ASP D 171 14.05 37.95 -21.09
N PRO D 172 15.33 38.31 -21.16
CA PRO D 172 15.95 38.97 -20.00
C PRO D 172 15.47 40.41 -19.77
N ASN D 173 14.74 40.97 -20.73
CA ASN D 173 14.23 42.34 -20.62
C ASN D 173 12.76 42.39 -20.22
N LEU D 174 12.26 41.26 -19.72
CA LEU D 174 10.88 41.19 -19.25
C LEU D 174 10.71 42.01 -17.98
N GLU D 175 9.58 42.71 -17.88
CA GLU D 175 9.26 43.55 -16.72
C GLU D 175 7.81 43.33 -16.31
N PHE D 176 7.50 43.60 -15.04
CA PHE D 176 6.11 43.61 -14.58
C PHE D 176 5.56 45.03 -14.64
N VAL D 177 4.45 45.20 -15.34
CA VAL D 177 3.88 46.54 -15.56
C VAL D 177 3.07 47.02 -14.36
N ALA D 178 2.70 46.09 -13.49
CA ALA D 178 1.91 46.43 -12.30
C ALA D 178 1.98 45.29 -11.29
N MET D 179 2.00 45.65 -10.01
CA MET D 179 2.03 44.66 -8.94
C MET D 179 0.64 44.06 -8.77
N PRO D 180 0.56 42.74 -8.53
CA PRO D 180 -0.73 42.15 -8.18
C PRO D 180 -1.24 42.69 -6.85
N ALA D 181 -2.52 42.51 -6.55
CA ALA D 181 -3.05 42.91 -5.26
C ALA D 181 -2.35 42.13 -4.15
N LEU D 182 -1.65 42.84 -3.28
CA LEU D 182 -0.92 42.22 -2.18
C LEU D 182 -1.56 42.52 -0.84
N ALA D 183 -1.52 41.53 0.05
CA ALA D 183 -1.95 41.71 1.42
C ALA D 183 -1.14 42.87 2.03
N PRO D 184 -1.82 43.85 2.65
CA PRO D 184 -1.08 44.98 3.19
C PRO D 184 -0.01 44.55 4.21
N PRO D 185 1.17 45.18 4.19
CA PRO D 185 2.25 44.86 5.13
C PRO D 185 1.79 44.79 6.59
N GLU D 186 2.17 43.72 7.28
CA GLU D 186 1.90 43.56 8.70
C GLU D 186 3.11 43.99 9.51
N VAL D 187 4.18 44.36 8.80
CA VAL D 187 5.45 44.75 9.41
C VAL D 187 6.12 45.80 8.54
N VAL D 188 6.87 46.70 9.18
CA VAL D 188 7.64 47.69 8.45
C VAL D 188 8.99 47.10 8.09
N MET D 189 9.34 47.17 6.81
CA MET D 189 10.71 46.88 6.40
C MET D 189 11.49 48.18 6.46
N ASP D 190 12.39 48.25 7.43
CA ASP D 190 13.18 49.46 7.65
C ASP D 190 13.90 49.88 6.36
N PRO D 191 13.63 51.11 5.87
CA PRO D 191 14.26 51.51 4.60
C PRO D 191 15.79 51.57 4.70
N ALA D 192 16.29 51.86 5.90
CA ALA D 192 17.73 51.95 6.12
C ALA D 192 18.37 50.57 6.03
N LEU D 193 17.77 49.59 6.72
CA LEU D 193 18.28 48.22 6.67
C LEU D 193 18.21 47.66 5.26
N ALA D 194 17.10 47.90 4.58
CA ALA D 194 16.90 47.39 3.23
C ALA D 194 17.97 47.94 2.29
N ALA D 195 18.24 49.23 2.40
CA ALA D 195 19.29 49.87 1.61
C ALA D 195 20.64 49.25 1.93
N GLN D 196 20.90 49.02 3.21
CA GLN D 196 22.15 48.43 3.66
C GLN D 196 22.32 47.02 3.11
N TYR D 197 21.30 46.19 3.31
CA TYR D 197 21.32 44.82 2.79
C TYR D 197 21.51 44.82 1.28
N GLU D 198 20.79 45.71 0.59
CA GLU D 198 20.91 45.83 -0.85
C GLU D 198 22.35 46.14 -1.24
N HIS D 199 23.02 46.97 -0.44
CA HIS D 199 24.42 47.28 -0.68
C HIS D 199 25.32 46.10 -0.34
N ASP D 200 25.05 45.45 0.80
CA ASP D 200 25.82 44.27 1.19
C ASP D 200 25.82 43.25 0.06
N LEU D 201 24.70 43.19 -0.67
CA LEU D 201 24.59 42.32 -1.81
C LEU D 201 25.38 42.85 -3.00
N GLU D 202 25.37 44.17 -3.19
CA GLU D 202 26.19 44.79 -4.24
C GLU D 202 27.66 44.43 -4.03
N VAL D 203 28.13 44.53 -2.79
CA VAL D 203 29.51 44.22 -2.46
C VAL D 203 29.80 42.74 -2.68
N ALA D 204 28.89 41.88 -2.22
CA ALA D 204 29.09 40.44 -2.33
C ALA D 204 29.09 40.00 -3.79
N GLN D 205 28.35 40.72 -4.62
CA GLN D 205 28.31 40.46 -6.05
C GLN D 205 29.63 40.84 -6.71
N THR D 206 30.16 41.99 -6.30
CA THR D 206 31.44 42.49 -6.81
C THR D 206 32.57 41.51 -6.48
N THR D 207 32.44 40.82 -5.36
CA THR D 207 33.43 39.84 -4.92
C THR D 207 33.30 38.56 -5.73
N ALA D 208 32.07 38.21 -6.10
CA ALA D 208 31.82 36.97 -6.82
C ALA D 208 32.47 36.98 -8.20
N GLN E 8 22.66 -58.12 3.61
CA GLN E 8 23.30 -56.82 3.83
C GLN E 8 22.28 -55.69 4.00
N VAL E 9 22.77 -54.53 4.40
CA VAL E 9 21.95 -53.34 4.53
C VAL E 9 22.09 -52.48 3.28
N GLN E 10 21.30 -52.79 2.26
CA GLN E 10 21.39 -52.12 0.97
C GLN E 10 20.04 -51.53 0.55
N PHE E 11 20.12 -50.52 -0.31
CA PHE E 11 18.94 -49.81 -0.80
C PHE E 11 19.03 -49.53 -2.29
N LYS E 12 17.96 -49.80 -3.01
CA LYS E 12 17.90 -49.41 -4.42
C LYS E 12 17.75 -47.90 -4.52
N LEU E 13 18.64 -47.28 -5.28
CA LEU E 13 18.61 -45.84 -5.52
C LEU E 13 18.50 -45.58 -7.01
N VAL E 14 17.43 -44.92 -7.43
CA VAL E 14 17.26 -44.56 -8.83
C VAL E 14 17.72 -43.14 -9.07
N LEU E 15 18.67 -43.00 -9.99
CA LEU E 15 19.24 -41.72 -10.37
C LEU E 15 18.66 -41.29 -11.72
N VAL E 16 17.91 -40.19 -11.72
CA VAL E 16 17.15 -39.79 -12.91
C VAL E 16 17.27 -38.30 -13.20
N GLY E 17 16.81 -37.91 -14.39
CA GLY E 17 16.89 -36.53 -14.85
C GLY E 17 17.21 -36.49 -16.34
N ASP E 18 17.10 -35.32 -16.94
CA ASP E 18 17.34 -35.15 -18.36
C ASP E 18 18.72 -35.66 -18.77
N GLY E 19 18.84 -36.05 -20.04
CA GLY E 19 20.12 -36.45 -20.59
C GLY E 19 21.08 -35.28 -20.61
N GLY E 20 22.35 -35.55 -20.32
CA GLY E 20 23.38 -34.53 -20.36
C GLY E 20 23.50 -33.74 -19.06
N THR E 21 22.70 -34.09 -18.07
CA THR E 21 22.73 -33.39 -16.78
C THR E 21 23.95 -33.80 -15.95
N GLY E 22 24.54 -34.95 -16.29
CA GLY E 22 25.75 -35.41 -15.64
C GLY E 22 25.55 -36.58 -14.69
N LYS E 23 24.46 -37.32 -14.88
CA LYS E 23 24.13 -38.46 -14.03
C LYS E 23 25.24 -39.51 -14.02
N THR E 24 25.71 -39.89 -15.20
CA THR E 24 26.72 -40.94 -15.32
C THR E 24 28.06 -40.47 -14.77
N THR E 25 28.42 -39.22 -15.05
CA THR E 25 29.65 -38.63 -14.50
C THR E 25 29.62 -38.69 -12.98
N PHE E 26 28.44 -38.41 -12.41
CA PHE E 26 28.27 -38.38 -10.97
C PHE E 26 28.47 -39.76 -10.31
N VAL E 27 27.74 -40.76 -10.79
CA VAL E 27 27.78 -42.08 -10.18
C VAL E 27 29.15 -42.73 -10.37
N LYS E 28 29.82 -42.37 -11.46
CA LYS E 28 31.13 -42.94 -11.80
C LYS E 28 32.25 -42.50 -10.87
N ARG E 29 32.00 -41.44 -10.08
CA ARG E 29 33.04 -40.92 -9.20
C ARG E 29 33.45 -41.97 -8.18
N HIS E 30 32.47 -42.73 -7.71
CA HIS E 30 32.70 -43.83 -6.77
C HIS E 30 33.42 -44.97 -7.49
N LEU E 31 34.73 -45.05 -7.33
CA LEU E 31 35.57 -45.91 -8.16
C LEU E 31 35.28 -47.40 -8.02
N THR E 32 35.02 -47.87 -6.79
CA THR E 32 34.73 -49.28 -6.58
C THR E 32 33.35 -49.61 -7.13
N GLY E 33 32.43 -48.67 -7.01
CA GLY E 33 31.07 -48.86 -7.51
C GLY E 33 31.06 -48.96 -9.03
N GLU E 34 31.99 -48.26 -9.67
CA GLU E 34 32.17 -48.36 -11.11
C GLU E 34 32.77 -49.71 -11.45
N PHE E 35 33.77 -50.11 -10.68
CA PHE E 35 34.46 -51.37 -10.88
C PHE E 35 33.54 -52.58 -10.73
N GLU E 36 32.60 -52.48 -9.78
CA GLU E 36 31.73 -53.60 -9.43
C GLU E 36 30.36 -53.53 -10.11
N LYS E 37 30.18 -52.55 -10.99
CA LYS E 37 28.87 -52.32 -11.60
C LYS E 37 28.38 -53.53 -12.40
N LYS E 38 27.06 -53.67 -12.50
CA LYS E 38 26.44 -54.71 -13.31
C LYS E 38 25.49 -54.10 -14.33
N TYR E 39 25.66 -54.50 -15.59
CA TYR E 39 24.83 -54.00 -16.68
C TYR E 39 23.66 -54.94 -16.92
N VAL E 40 22.47 -54.36 -17.04
CA VAL E 40 21.25 -55.11 -17.37
C VAL E 40 20.63 -54.51 -18.62
N ALA E 41 20.94 -55.10 -19.76
CA ALA E 41 20.55 -54.55 -21.06
C ALA E 41 19.04 -54.38 -21.19
N THR E 42 18.30 -55.39 -20.76
CA THR E 42 16.84 -55.40 -20.92
C THR E 42 16.16 -54.21 -20.23
N LEU E 43 16.76 -53.73 -19.16
CA LEU E 43 16.20 -52.60 -18.41
C LEU E 43 16.95 -51.31 -18.71
N GLY E 44 17.95 -51.38 -19.57
CA GLY E 44 18.75 -50.22 -19.93
C GLY E 44 19.35 -49.56 -18.70
N VAL E 45 20.14 -50.31 -17.94
CA VAL E 45 20.68 -49.81 -16.67
C VAL E 45 22.03 -50.43 -16.32
N GLU E 46 22.87 -49.63 -15.69
CA GLU E 46 24.06 -50.09 -15.01
C GLU E 46 23.89 -49.82 -13.51
N VAL E 47 23.91 -50.87 -12.70
CA VAL E 47 23.71 -50.75 -11.27
C VAL E 47 25.05 -50.67 -10.54
N HIS E 48 25.28 -49.57 -9.85
CA HIS E 48 26.53 -49.32 -9.14
C HIS E 48 26.38 -49.57 -7.64
N PRO E 49 27.10 -50.56 -7.09
CA PRO E 49 27.07 -50.75 -5.64
C PRO E 49 27.93 -49.73 -4.91
N LEU E 50 27.32 -48.64 -4.46
CA LEU E 50 28.04 -47.59 -3.74
C LEU E 50 28.00 -47.84 -2.25
N VAL E 51 29.13 -48.31 -1.69
CA VAL E 51 29.24 -48.51 -0.26
C VAL E 51 29.74 -47.24 0.42
N PHE E 52 29.04 -46.83 1.46
CA PHE E 52 29.50 -45.75 2.33
C PHE E 52 29.61 -46.31 3.74
N HIS E 53 30.63 -45.87 4.48
CA HIS E 53 30.89 -46.39 5.81
C HIS E 53 30.54 -45.35 6.87
N THR E 54 29.52 -45.67 7.66
CA THR E 54 29.03 -44.76 8.69
C THR E 54 29.53 -45.15 10.07
N ASN E 55 29.36 -44.26 11.03
CA ASN E 55 29.78 -44.51 12.41
C ASN E 55 29.00 -45.68 13.01
N ARG E 56 27.82 -45.97 12.46
CA ARG E 56 27.01 -47.08 12.90
C ARG E 56 27.17 -48.30 11.99
N GLY E 57 28.11 -48.21 11.05
CA GLY E 57 28.40 -49.32 10.16
C GLY E 57 28.26 -48.97 8.68
N PRO E 58 28.45 -49.95 7.80
CA PRO E 58 28.41 -49.75 6.35
C PRO E 58 27.00 -49.74 5.78
N ILE E 59 26.77 -48.88 4.79
CA ILE E 59 25.53 -48.88 4.03
C ILE E 59 25.86 -48.95 2.54
N LYS E 60 25.01 -49.61 1.77
CA LYS E 60 25.23 -49.82 0.35
C LYS E 60 24.07 -49.29 -0.50
N PHE E 61 24.32 -48.20 -1.22
CA PHE E 61 23.37 -47.69 -2.18
C PHE E 61 23.61 -48.31 -3.55
N ASN E 62 22.75 -49.24 -3.95
CA ASN E 62 22.79 -49.77 -5.31
C ASN E 62 22.18 -48.77 -6.28
N VAL E 63 23.02 -47.91 -6.85
CA VAL E 63 22.53 -46.82 -7.70
C VAL E 63 22.24 -47.29 -9.12
N TRP E 64 21.03 -47.03 -9.58
CA TRP E 64 20.63 -47.32 -10.96
C TRP E 64 20.90 -46.14 -11.88
N ASP E 65 21.81 -46.33 -12.83
CA ASP E 65 22.13 -45.31 -13.82
C ASP E 65 21.61 -45.73 -15.19
N THR E 66 21.01 -44.79 -15.91
CA THR E 66 20.42 -45.11 -17.21
C THR E 66 21.48 -45.42 -18.26
N ALA E 67 21.03 -45.98 -19.37
CA ALA E 67 21.88 -46.19 -20.53
C ALA E 67 21.60 -45.12 -21.59
N GLY E 68 21.06 -43.99 -21.14
CA GLY E 68 20.83 -42.84 -22.01
C GLY E 68 19.44 -42.73 -22.61
N GLN E 69 18.55 -43.67 -22.27
CA GLN E 69 17.23 -43.70 -22.87
C GLN E 69 16.39 -42.47 -22.52
N GLU E 70 16.81 -41.71 -21.51
CA GLU E 70 16.05 -40.54 -21.09
C GLU E 70 16.03 -39.46 -22.16
N LYS E 71 16.86 -39.62 -23.18
CA LYS E 71 16.96 -38.65 -24.27
C LYS E 71 15.74 -38.70 -25.19
N PHE E 72 15.03 -39.82 -25.18
CA PHE E 72 13.92 -40.05 -26.09
C PHE E 72 12.56 -40.13 -25.39
N GLY E 73 12.55 -39.85 -24.09
CA GLY E 73 11.34 -39.92 -23.29
C GLY E 73 11.58 -40.44 -21.90
N GLY E 74 10.49 -40.72 -21.18
CA GLY E 74 10.58 -41.17 -19.81
C GLY E 74 11.17 -42.57 -19.65
N LEU E 75 11.37 -42.97 -18.41
CA LEU E 75 11.90 -44.29 -18.10
C LEU E 75 10.75 -45.27 -17.84
N ARG E 76 10.98 -46.55 -18.11
CA ARG E 76 9.95 -47.57 -17.94
C ARG E 76 9.72 -47.82 -16.44
N ASP E 77 8.56 -48.39 -16.11
CA ASP E 77 8.24 -48.73 -14.73
C ASP E 77 9.23 -49.73 -14.15
N GLY E 78 9.73 -50.62 -15.01
CA GLY E 78 10.70 -51.61 -14.60
C GLY E 78 11.98 -51.00 -14.03
N TYR E 79 12.25 -49.75 -14.42
CA TYR E 79 13.41 -49.04 -13.91
C TYR E 79 13.17 -48.51 -12.51
N TYR E 80 12.03 -47.84 -12.33
CA TYR E 80 11.68 -47.22 -11.05
C TYR E 80 11.34 -48.23 -9.97
N ILE E 81 10.69 -49.33 -10.37
CA ILE E 81 10.01 -50.21 -9.42
C ILE E 81 10.95 -50.73 -8.33
N GLN E 82 10.43 -50.80 -7.12
CA GLN E 82 11.14 -51.27 -5.92
C GLN E 82 12.24 -50.33 -5.43
N ALA E 83 12.36 -49.14 -6.02
CA ALA E 83 13.34 -48.18 -5.52
C ALA E 83 12.93 -47.70 -4.13
N GLN E 84 13.91 -47.59 -3.24
CA GLN E 84 13.67 -47.19 -1.87
C GLN E 84 14.04 -45.73 -1.65
N CYS E 85 14.77 -45.16 -2.61
CA CYS E 85 15.16 -43.76 -2.58
C CYS E 85 15.59 -43.34 -3.97
N ALA E 86 15.93 -42.07 -4.14
CA ALA E 86 16.23 -41.55 -5.47
C ALA E 86 16.95 -40.22 -5.44
N ILE E 87 17.64 -39.92 -6.54
CA ILE E 87 18.26 -38.62 -6.76
C ILE E 87 17.77 -38.08 -8.09
N ILE E 88 17.21 -36.86 -8.07
CA ILE E 88 16.85 -36.16 -9.30
C ILE E 88 17.92 -35.12 -9.60
N MET E 89 18.44 -35.16 -10.82
CA MET E 89 19.52 -34.26 -11.22
C MET E 89 19.10 -33.35 -12.34
N PHE E 90 19.61 -32.12 -12.30
CA PHE E 90 19.49 -31.19 -13.42
C PHE E 90 20.79 -30.43 -13.60
N ASP E 91 20.87 -29.70 -14.71
CA ASP E 91 22.06 -28.94 -15.08
C ASP E 91 21.80 -27.46 -14.81
N VAL E 92 22.62 -26.84 -13.97
CA VAL E 92 22.39 -25.45 -13.58
C VAL E 92 22.70 -24.48 -14.72
N THR E 93 23.31 -24.98 -15.79
CA THR E 93 23.59 -24.16 -16.97
C THR E 93 22.51 -24.34 -18.02
N SER E 94 21.57 -25.25 -17.75
CA SER E 94 20.47 -25.53 -18.67
C SER E 94 19.13 -25.40 -17.96
N ARG E 95 18.39 -24.35 -18.29
CA ARG E 95 17.11 -24.08 -17.63
C ARG E 95 16.06 -25.15 -17.94
N VAL E 96 16.10 -25.73 -19.14
CA VAL E 96 15.11 -26.71 -19.54
C VAL E 96 15.14 -27.95 -18.65
N THR E 97 16.33 -28.33 -18.20
CA THR E 97 16.50 -29.53 -17.39
C THR E 97 15.94 -29.34 -15.98
N TYR E 98 15.94 -28.10 -15.50
CA TYR E 98 15.36 -27.79 -14.21
C TYR E 98 13.83 -27.68 -14.32
N LYS E 99 13.34 -27.26 -15.47
CA LYS E 99 11.90 -27.15 -15.69
C LYS E 99 11.25 -28.52 -15.87
N ASN E 100 12.07 -29.54 -16.11
CA ASN E 100 11.58 -30.91 -16.24
C ASN E 100 11.62 -31.67 -14.92
N VAL E 101 12.18 -31.06 -13.88
CA VAL E 101 12.31 -31.69 -12.57
C VAL E 101 10.96 -32.19 -12.03
N PRO E 102 9.90 -31.37 -12.17
CA PRO E 102 8.59 -31.83 -11.70
C PRO E 102 8.10 -33.10 -12.42
N ASN E 103 8.42 -33.22 -13.70
CA ASN E 103 8.02 -34.37 -14.49
C ASN E 103 8.69 -35.65 -13.99
N TRP E 104 9.95 -35.55 -13.60
CA TRP E 104 10.67 -36.68 -13.05
C TRP E 104 10.12 -37.07 -11.70
N HIS E 105 9.75 -36.07 -10.90
CA HIS E 105 9.18 -36.30 -9.58
C HIS E 105 7.88 -37.08 -9.73
N ARG E 106 7.02 -36.61 -10.62
CA ARG E 106 5.72 -37.22 -10.86
C ARG E 106 5.83 -38.70 -11.22
N ASP E 107 6.67 -39.01 -12.20
CA ASP E 107 6.85 -40.38 -12.64
C ASP E 107 7.43 -41.23 -11.52
N LEU E 108 8.36 -40.63 -10.78
CA LEU E 108 8.96 -41.28 -9.63
C LEU E 108 7.91 -41.60 -8.57
N VAL E 109 7.01 -40.66 -8.32
CA VAL E 109 5.98 -40.83 -7.29
C VAL E 109 4.91 -41.81 -7.75
N ARG E 110 4.65 -41.90 -9.06
CA ARG E 110 3.64 -42.82 -9.57
C ARG E 110 3.98 -44.26 -9.23
N VAL E 111 5.25 -44.64 -9.45
CA VAL E 111 5.68 -46.01 -9.25
C VAL E 111 6.18 -46.23 -7.82
N CYS E 112 6.78 -45.20 -7.23
CA CYS E 112 7.23 -45.25 -5.84
C CYS E 112 6.72 -44.00 -5.12
N GLU E 113 5.66 -44.18 -4.35
CA GLU E 113 4.90 -43.04 -3.83
C GLU E 113 5.70 -42.13 -2.88
N ASN E 114 6.26 -42.71 -1.83
CA ASN E 114 6.67 -41.92 -0.68
C ASN E 114 8.16 -41.94 -0.35
N ILE E 115 9.00 -42.38 -1.29
CA ILE E 115 10.41 -42.57 -0.98
C ILE E 115 11.15 -41.23 -0.83
N PRO E 116 12.21 -41.21 0.00
CA PRO E 116 13.02 -39.99 0.15
C PRO E 116 13.82 -39.67 -1.10
N ILE E 117 13.86 -38.38 -1.45
CA ILE E 117 14.46 -37.93 -2.70
C ILE E 117 15.37 -36.74 -2.46
N VAL E 118 16.53 -36.73 -3.12
CA VAL E 118 17.40 -35.57 -3.12
C VAL E 118 17.43 -34.95 -4.51
N LEU E 119 17.38 -33.62 -4.54
CA LEU E 119 17.48 -32.86 -5.77
C LEU E 119 18.89 -32.29 -5.91
N CYS E 120 19.50 -32.48 -7.07
CA CYS E 120 20.87 -32.05 -7.28
C CYS E 120 21.03 -31.16 -8.51
N GLY E 121 21.58 -29.97 -8.30
CA GLY E 121 21.94 -29.08 -9.37
C GLY E 121 23.39 -29.27 -9.74
N ASN E 122 23.63 -29.95 -10.86
CA ASN E 122 24.98 -30.34 -11.25
C ASN E 122 25.70 -29.25 -12.06
N LYS E 123 27.03 -29.37 -12.14
CA LYS E 123 27.88 -28.49 -12.95
C LYS E 123 27.98 -27.07 -12.40
N VAL E 124 27.98 -26.94 -11.08
CA VAL E 124 28.11 -25.63 -10.43
C VAL E 124 29.53 -25.07 -10.53
N ASP E 125 30.44 -25.86 -11.10
CA ASP E 125 31.81 -25.42 -11.32
C ASP E 125 31.89 -24.48 -12.52
N ILE E 126 30.93 -24.62 -13.44
CA ILE E 126 30.88 -23.78 -14.62
C ILE E 126 30.35 -22.39 -14.25
N LYS E 127 31.13 -21.36 -14.55
CA LYS E 127 30.67 -19.98 -14.38
C LYS E 127 29.55 -19.72 -15.37
N ASP E 128 28.82 -18.63 -15.20
CA ASP E 128 27.63 -18.38 -16.01
C ASP E 128 26.58 -19.45 -15.72
N ARG E 129 26.38 -19.71 -14.44
CA ARG E 129 25.29 -20.55 -13.97
C ARG E 129 23.96 -19.86 -14.26
N LYS E 130 22.99 -20.62 -14.73
CA LYS E 130 21.70 -20.07 -15.12
C LYS E 130 20.63 -20.27 -14.04
N VAL E 131 20.64 -21.45 -13.42
CA VAL E 131 19.69 -21.77 -12.36
C VAL E 131 20.33 -21.50 -10.99
N LYS E 132 20.01 -20.36 -10.39
CA LYS E 132 20.60 -19.93 -9.13
C LYS E 132 19.78 -20.37 -7.93
N ALA E 133 20.31 -20.11 -6.75
CA ALA E 133 19.70 -20.53 -5.49
C ALA E 133 18.29 -19.99 -5.29
N LYS E 134 18.11 -18.69 -5.54
CA LYS E 134 16.82 -18.04 -5.37
C LYS E 134 15.74 -18.72 -6.19
N SER E 135 16.10 -19.09 -7.41
CA SER E 135 15.18 -19.76 -8.31
C SER E 135 14.81 -21.16 -7.81
N ILE E 136 15.75 -21.80 -7.13
CA ILE E 136 15.56 -23.16 -6.65
C ILE E 136 14.83 -23.16 -5.30
N VAL E 137 13.50 -23.23 -5.36
CA VAL E 137 12.66 -23.36 -4.17
C VAL E 137 11.74 -24.56 -4.31
N PHE E 138 11.90 -25.32 -5.40
CA PHE E 138 11.01 -26.43 -5.71
C PHE E 138 10.93 -27.45 -4.58
N HIS E 139 12.09 -27.81 -4.02
CA HIS E 139 12.19 -28.97 -3.15
C HIS E 139 11.21 -28.93 -1.97
N ARG E 140 11.10 -27.78 -1.32
CA ARG E 140 10.13 -27.59 -0.22
C ARG E 140 10.22 -28.71 0.82
N ASN E 143 9.67 -35.23 1.93
CA ASN E 143 10.80 -36.11 1.71
C ASN E 143 11.74 -35.59 0.62
N LEU E 144 11.98 -34.28 0.60
CA LEU E 144 12.84 -33.68 -0.42
C LEU E 144 13.92 -32.77 0.17
N GLN E 145 15.09 -32.85 -0.43
CA GLN E 145 16.26 -32.09 -0.02
C GLN E 145 17.04 -31.66 -1.26
N TYR E 146 17.69 -30.49 -1.20
CA TYR E 146 18.49 -30.01 -2.32
C TYR E 146 19.97 -29.85 -1.96
N TYR E 147 20.83 -30.07 -2.97
CA TYR E 147 22.25 -29.78 -2.86
C TYR E 147 22.82 -29.32 -4.20
N ASP E 148 23.73 -28.35 -4.15
CA ASP E 148 24.61 -28.08 -5.28
C ASP E 148 25.62 -29.22 -5.36
N ILE E 149 25.93 -29.65 -6.58
CA ILE E 149 27.03 -30.58 -6.78
C ILE E 149 27.79 -30.28 -8.06
N SER E 150 29.05 -30.69 -8.07
CA SER E 150 29.85 -30.72 -9.29
C SER E 150 30.53 -32.07 -9.38
N ALA E 151 30.05 -32.90 -10.30
CA ALA E 151 30.56 -34.26 -10.45
C ALA E 151 32.03 -34.27 -10.84
N LYS E 152 32.41 -33.39 -11.76
CA LYS E 152 33.78 -33.34 -12.26
C LYS E 152 34.80 -32.99 -11.18
N SER E 153 34.33 -32.37 -10.10
CA SER E 153 35.22 -31.91 -9.03
C SER E 153 34.94 -32.59 -7.68
N ASN E 154 34.00 -33.53 -7.67
CA ASN E 154 33.61 -34.26 -6.46
C ASN E 154 33.02 -33.36 -5.37
N TYR E 155 32.66 -32.12 -5.74
CA TYR E 155 32.11 -31.18 -4.79
C TYR E 155 30.73 -31.63 -4.28
N ASN E 156 30.59 -31.70 -2.95
CA ASN E 156 29.37 -32.15 -2.29
C ASN E 156 28.96 -33.58 -2.66
N PHE E 157 29.87 -34.37 -3.23
CA PHE E 157 29.52 -35.70 -3.73
C PHE E 157 28.82 -36.57 -2.67
N GLU E 158 29.21 -36.40 -1.41
CA GLU E 158 28.73 -37.29 -0.35
C GLU E 158 27.42 -36.79 0.26
N LYS E 159 27.06 -35.54 0.02
CA LYS E 159 25.90 -34.93 0.68
C LYS E 159 24.59 -35.70 0.43
N PRO E 160 24.25 -35.97 -0.85
CA PRO E 160 22.97 -36.64 -1.09
C PRO E 160 22.85 -38.01 -0.42
N PHE E 161 23.93 -38.77 -0.46
CA PHE E 161 23.94 -40.12 0.10
C PHE E 161 23.86 -40.09 1.63
N LEU E 162 24.49 -39.08 2.24
CA LEU E 162 24.44 -38.94 3.69
C LEU E 162 23.02 -38.58 4.15
N TRP E 163 22.39 -37.63 3.46
CA TRP E 163 21.02 -37.24 3.79
C TRP E 163 20.07 -38.42 3.62
N LEU E 164 20.24 -39.14 2.51
CA LEU E 164 19.40 -40.30 2.22
C LEU E 164 19.66 -41.42 3.24
N ALA E 165 20.89 -41.53 3.71
CA ALA E 165 21.23 -42.56 4.69
C ALA E 165 20.58 -42.25 6.04
N ARG E 166 20.51 -40.96 6.38
CA ARG E 166 19.93 -40.53 7.64
C ARG E 166 18.43 -40.77 7.67
N LYS E 167 17.77 -40.49 6.54
CA LYS E 167 16.33 -40.70 6.43
C LYS E 167 15.97 -42.17 6.47
N LEU E 168 16.70 -42.98 5.70
CA LEU E 168 16.41 -44.40 5.58
C LEU E 168 16.58 -45.16 6.90
N ILE E 169 17.65 -44.84 7.62
CA ILE E 169 17.99 -45.57 8.85
C ILE E 169 17.28 -44.96 10.06
N GLY E 170 16.81 -43.73 9.92
CA GLY E 170 16.10 -43.05 10.99
C GLY E 170 17.01 -42.42 12.03
N ASP E 171 18.26 -42.18 11.64
CA ASP E 171 19.24 -41.54 12.51
C ASP E 171 19.70 -40.23 11.87
N PRO E 172 19.30 -39.08 12.43
CA PRO E 172 19.72 -37.80 11.85
C PRO E 172 21.14 -37.39 12.23
N ASN E 173 21.77 -38.15 13.13
CA ASN E 173 23.12 -37.85 13.59
C ASN E 173 24.17 -38.71 12.90
N LEU E 174 23.71 -39.60 12.01
CA LEU E 174 24.60 -40.50 11.28
C LEU E 174 25.66 -39.74 10.50
N GLU E 175 26.91 -40.19 10.61
CA GLU E 175 28.03 -39.58 9.89
C GLU E 175 28.75 -40.61 9.03
N PHE E 176 29.47 -40.13 8.02
CA PHE E 176 30.41 -40.97 7.26
C PHE E 176 31.80 -40.86 7.89
N VAL E 177 32.37 -41.99 8.24
CA VAL E 177 33.65 -42.02 8.94
C VAL E 177 34.82 -41.85 7.97
N ALA E 178 34.58 -42.13 6.69
CA ALA E 178 35.61 -42.01 5.67
C ALA E 178 35.01 -41.93 4.27
N MET E 179 35.61 -41.11 3.42
CA MET E 179 35.14 -40.96 2.05
C MET E 179 35.58 -42.18 1.22
N PRO E 180 34.70 -42.69 0.35
CA PRO E 180 35.12 -43.76 -0.56
C PRO E 180 36.19 -43.29 -1.52
N ALA E 181 36.90 -44.20 -2.17
CA ALA E 181 37.86 -43.85 -3.21
C ALA E 181 37.16 -43.16 -4.37
N LEU E 182 37.45 -41.88 -4.56
CA LEU E 182 36.82 -41.10 -5.63
C LEU E 182 37.80 -40.78 -6.76
N ALA E 183 37.26 -40.71 -7.97
CA ALA E 183 38.04 -40.27 -9.13
C ALA E 183 38.62 -38.89 -8.84
N PRO E 184 39.93 -38.69 -9.10
CA PRO E 184 40.51 -37.36 -8.89
C PRO E 184 39.76 -36.29 -9.67
N PRO E 185 39.59 -35.09 -9.09
CA PRO E 185 38.89 -34.01 -9.80
C PRO E 185 39.48 -33.73 -11.19
N GLU E 186 38.61 -33.64 -12.18
CA GLU E 186 39.02 -33.28 -13.53
C GLU E 186 38.91 -31.76 -13.72
N VAL E 187 38.38 -31.11 -12.69
CA VAL E 187 38.07 -29.68 -12.75
C VAL E 187 38.21 -29.10 -11.34
N VAL E 188 38.48 -27.81 -11.25
CA VAL E 188 38.54 -27.11 -9.98
C VAL E 188 37.18 -26.52 -9.62
N MET E 189 36.79 -26.69 -8.37
CA MET E 189 35.68 -25.95 -7.80
C MET E 189 36.25 -24.81 -6.97
N ASP E 190 36.12 -23.59 -7.46
CA ASP E 190 36.61 -22.41 -6.75
C ASP E 190 36.01 -22.37 -5.34
N PRO E 191 36.88 -22.39 -4.30
CA PRO E 191 36.36 -22.35 -2.93
C PRO E 191 35.49 -21.12 -2.65
N ALA E 192 35.91 -19.96 -3.15
CA ALA E 192 35.16 -18.73 -2.95
C ALA E 192 33.77 -18.84 -3.57
N LEU E 193 33.73 -19.38 -4.78
CA LEU E 193 32.48 -19.55 -5.49
C LEU E 193 31.58 -20.55 -4.77
N ALA E 194 32.19 -21.54 -4.14
CA ALA E 194 31.47 -22.56 -3.39
C ALA E 194 30.86 -21.98 -2.12
N ALA E 195 31.64 -21.16 -1.41
CA ALA E 195 31.19 -20.54 -0.18
C ALA E 195 30.00 -19.63 -0.44
N GLN E 196 30.06 -18.89 -1.54
CA GLN E 196 28.98 -17.99 -1.94
C GLN E 196 27.69 -18.77 -2.21
N TYR E 197 27.81 -19.84 -3.00
CA TYR E 197 26.66 -20.66 -3.35
C TYR E 197 25.98 -21.26 -2.13
N GLU E 198 26.77 -21.63 -1.12
CA GLU E 198 26.23 -22.22 0.09
C GLU E 198 25.50 -21.17 0.91
N HIS E 199 26.00 -19.94 0.86
CA HIS E 199 25.37 -18.82 1.54
C HIS E 199 24.03 -18.46 0.89
N ASP E 200 24.03 -18.39 -0.45
CA ASP E 200 22.81 -18.08 -1.18
C ASP E 200 21.68 -19.04 -0.83
N LEU E 201 22.00 -20.33 -0.81
CA LEU E 201 21.02 -21.36 -0.47
C LEU E 201 20.52 -21.22 0.95
N GLU E 202 21.42 -20.86 1.86
CA GLU E 202 21.04 -20.62 3.25
C GLU E 202 20.01 -19.49 3.34
N VAL E 203 20.33 -18.37 2.69
CA VAL E 203 19.48 -17.20 2.75
C VAL E 203 18.15 -17.46 2.07
N ALA E 204 18.18 -18.14 0.93
CA ALA E 204 16.97 -18.46 0.19
C ALA E 204 15.99 -19.24 1.07
N GLN E 205 16.55 -20.14 1.89
CA GLN E 205 15.74 -20.97 2.77
C GLN E 205 15.13 -20.17 3.92
N THR E 206 15.92 -19.27 4.50
CA THR E 206 15.47 -18.51 5.67
C THR E 206 14.47 -17.41 5.28
N THR E 207 14.49 -17.01 4.01
CA THR E 207 13.57 -15.99 3.52
C THR E 207 12.50 -16.61 2.63
N ALA E 208 12.12 -17.85 2.93
CA ALA E 208 11.13 -18.57 2.15
C ALA E 208 9.72 -18.17 2.53
N LEU E 209 8.91 -17.85 1.53
CA LEU E 209 7.48 -17.66 1.72
C LEU E 209 6.80 -19.01 1.44
N PRO E 210 5.55 -19.18 1.89
CA PRO E 210 4.85 -20.46 1.71
C PRO E 210 4.70 -20.87 0.25
N ASP E 211 4.32 -22.13 0.03
CA ASP E 211 4.14 -22.67 -1.31
C ASP E 211 2.76 -22.32 -1.86
N GLU E 212 2.64 -22.27 -3.19
CA GLU E 212 1.39 -21.90 -3.83
C GLU E 212 0.30 -22.93 -3.54
#